data_1JQI
#
_entry.id   1JQI
#
_cell.length_a   143.610
_cell.length_b   143.610
_cell.length_c   77.460
_cell.angle_alpha   90.00
_cell.angle_beta   90.00
_cell.angle_gamma   120.00
#
_symmetry.space_group_name_H-M   'P 3 2 1'
#
loop_
_entity.id
_entity.type
_entity.pdbx_description
1 polymer 'short chain acyl-CoA dehydrogenase'
2 non-polymer 'ACETOACETYL-COENZYME A'
3 non-polymer 'FLAVIN-ADENINE DINUCLEOTIDE'
4 water water
#
_entity_poly.entity_id   1
_entity_poly.type   'polypeptide(L)'
_entity_poly.pdbx_seq_one_letter_code
;LHSVYQSVELPETHQMLRQTCRDFAEKELVPIAAQLDKEHLFPTSQVKKMGELGLLAMDVPEELSGAGLDYLAYSIALEE
ISRGCASTGVIMSVNNSLYLGPILKFGSSQQKQQWITPFTNGDKIGCFALSEPGNGSDAGAASTTAREEGDSWVLNGTKA
WITNSWEASATVVFASTDRSRQNKGISAFLVPMPTPGLTLGKKEDKLGIRASSTANLIFEDCRIPKENLLGEPGMGFKIA
MQTLDMGRIGIASQALGIAQASLDCAVKYAENRHAFGAPLTKLQNIQFKLADMALALESARLLTWRAAMLKDNKKPFTKE
SAMAKLAASEAATAISHQAIQILGGMGYVTEMPAERYYRDARITEIYEGTSEIQRLVIAGHLLRSYRS
;
_entity_poly.pdbx_strand_id   A,B
#
# COMPACT_ATOMS: atom_id res chain seq x y z
N VAL A 4 9.55 13.15 20.03
CA VAL A 4 10.31 11.97 20.52
C VAL A 4 11.73 11.90 19.96
N TYR A 5 12.25 13.06 19.56
CA TYR A 5 13.61 13.17 19.03
C TYR A 5 14.29 14.37 19.67
N GLN A 6 15.59 14.25 19.92
CA GLN A 6 16.33 15.34 20.55
C GLN A 6 17.23 16.09 19.57
N SER A 7 17.05 17.41 19.55
CA SER A 7 17.84 18.29 18.68
C SER A 7 18.79 19.12 19.54
N VAL A 8 19.85 19.62 18.92
CA VAL A 8 20.83 20.43 19.64
C VAL A 8 20.20 21.66 20.30
N GLU A 9 20.32 22.83 19.68
CA GLU A 9 19.76 24.05 20.25
C GLU A 9 18.88 24.75 19.21
N LEU A 10 17.60 24.39 19.22
CA LEU A 10 16.64 24.96 18.28
C LEU A 10 16.13 26.30 18.83
N PRO A 11 16.02 27.34 17.98
CA PRO A 11 15.54 28.63 18.45
C PRO A 11 14.16 28.52 19.10
N GLU A 12 13.94 29.32 20.15
CA GLU A 12 12.68 29.29 20.88
C GLU A 12 11.51 29.58 19.94
N THR A 13 11.75 30.36 18.90
CA THR A 13 10.72 30.71 17.94
C THR A 13 10.23 29.46 17.20
N HIS A 14 11.16 28.55 16.92
CA HIS A 14 10.84 27.32 16.21
C HIS A 14 10.26 26.26 17.13
N GLN A 15 10.67 26.28 18.39
CA GLN A 15 10.15 25.33 19.36
C GLN A 15 8.68 25.67 19.63
N MET A 16 8.37 26.96 19.71
CA MET A 16 7.00 27.41 19.95
C MET A 16 6.15 27.04 18.73
N LEU A 17 6.70 27.30 17.56
CA LEU A 17 6.04 27.03 16.30
C LEU A 17 5.67 25.55 16.19
N ARG A 18 6.58 24.69 16.63
CA ARG A 18 6.36 23.25 16.59
C ARG A 18 5.18 22.87 17.48
N GLN A 19 5.21 23.35 18.72
CA GLN A 19 4.17 23.08 19.69
C GLN A 19 2.79 23.52 19.17
N THR A 20 2.73 24.72 18.59
CA THR A 20 1.48 25.26 18.06
C THR A 20 0.90 24.42 16.93
N CYS A 21 1.75 23.99 16.01
CA CYS A 21 1.29 23.19 14.89
C CYS A 21 0.88 21.79 15.35
N ARG A 22 1.59 21.24 16.33
CA ARG A 22 1.26 19.91 16.84
C ARG A 22 -0.12 19.93 17.48
N ASP A 23 -0.39 20.99 18.24
CA ASP A 23 -1.69 21.13 18.90
C ASP A 23 -2.79 21.27 17.85
N PHE A 24 -2.53 22.07 16.82
CA PHE A 24 -3.50 22.27 15.75
C PHE A 24 -3.82 20.95 15.07
N ALA A 25 -2.77 20.22 14.67
CA ALA A 25 -2.94 18.95 14.01
C ALA A 25 -3.69 17.98 14.92
N GLU A 26 -3.34 18.00 16.19
CA GLU A 26 -3.97 17.11 17.16
C GLU A 26 -5.44 17.49 17.40
N LYS A 27 -5.74 18.78 17.33
CA LYS A 27 -7.10 19.25 17.56
C LYS A 27 -7.98 19.30 16.31
N GLU A 28 -7.41 19.78 15.21
CA GLU A 28 -8.17 19.94 13.97
C GLU A 28 -8.03 18.86 12.89
N LEU A 29 -6.89 18.21 12.82
CA LEU A 29 -6.66 17.22 11.76
C LEU A 29 -6.80 15.75 12.13
N VAL A 30 -6.18 15.35 13.23
CA VAL A 30 -6.23 13.95 13.64
C VAL A 30 -7.63 13.31 13.66
N PRO A 31 -8.61 13.96 14.31
CA PRO A 31 -9.96 13.40 14.36
C PRO A 31 -10.79 13.34 13.06
N ILE A 32 -10.37 14.07 12.03
CA ILE A 32 -11.12 14.05 10.78
C ILE A 32 -10.36 13.44 9.59
N ALA A 33 -9.07 13.19 9.77
CA ALA A 33 -8.24 12.62 8.71
C ALA A 33 -8.84 11.40 8.04
N ALA A 34 -9.41 10.50 8.84
CA ALA A 34 -10.01 9.29 8.30
C ALA A 34 -11.18 9.62 7.38
N GLN A 35 -12.08 10.50 7.82
CA GLN A 35 -13.24 10.83 6.99
C GLN A 35 -12.84 11.58 5.73
N LEU A 36 -11.80 12.39 5.82
CA LEU A 36 -11.33 13.14 4.65
C LEU A 36 -10.82 12.16 3.60
N ASP A 37 -10.07 11.16 4.04
CA ASP A 37 -9.52 10.14 3.15
C ASP A 37 -10.63 9.28 2.52
N LYS A 38 -11.60 8.90 3.33
CA LYS A 38 -12.69 8.07 2.85
C LYS A 38 -13.59 8.80 1.86
N GLU A 39 -13.90 10.06 2.13
CA GLU A 39 -14.78 10.82 1.26
C GLU A 39 -14.11 11.67 0.18
N HIS A 40 -12.78 11.68 0.16
CA HIS A 40 -12.03 12.46 -0.82
C HIS A 40 -12.51 13.90 -0.70
N LEU A 41 -12.63 14.36 0.54
CA LEU A 41 -13.12 15.68 0.85
C LEU A 41 -12.02 16.72 1.12
N PHE A 42 -12.04 17.83 0.40
CA PHE A 42 -11.05 18.88 0.59
C PHE A 42 -11.34 19.54 1.93
N PRO A 43 -10.32 19.67 2.80
CA PRO A 43 -10.46 20.28 4.13
C PRO A 43 -10.60 21.80 4.11
N THR A 44 -11.66 22.29 3.49
CA THR A 44 -11.90 23.73 3.38
C THR A 44 -11.66 24.54 4.66
N SER A 45 -12.43 24.23 5.70
CA SER A 45 -12.31 24.95 6.97
C SER A 45 -10.92 24.90 7.59
N GLN A 46 -10.28 23.74 7.53
CA GLN A 46 -8.95 23.57 8.09
C GLN A 46 -7.92 24.42 7.37
N VAL A 47 -7.98 24.42 6.05
CA VAL A 47 -7.04 25.20 5.26
C VAL A 47 -7.18 26.69 5.62
N LYS A 48 -8.42 27.15 5.82
CA LYS A 48 -8.65 28.55 6.18
C LYS A 48 -8.00 28.90 7.52
N LYS A 49 -8.24 28.05 8.52
CA LYS A 49 -7.65 28.28 9.84
C LYS A 49 -6.13 28.31 9.71
N MET A 50 -5.60 27.41 8.88
CA MET A 50 -4.15 27.33 8.67
C MET A 50 -3.64 28.66 8.11
N GLY A 51 -4.38 29.20 7.15
CA GLY A 51 -4.00 30.46 6.54
C GLY A 51 -3.92 31.58 7.56
N GLU A 52 -4.88 31.60 8.49
CA GLU A 52 -4.90 32.62 9.53
C GLU A 52 -3.68 32.49 10.41
N LEU A 53 -3.20 31.27 10.61
CA LEU A 53 -2.01 31.06 11.42
C LEU A 53 -0.77 31.46 10.62
N GLY A 54 -0.97 31.69 9.33
CA GLY A 54 0.13 32.08 8.46
C GLY A 54 0.92 30.89 7.95
N LEU A 55 0.34 29.70 8.05
CA LEU A 55 1.01 28.48 7.61
C LEU A 55 1.08 28.31 6.08
N LEU A 56 0.27 29.08 5.36
CA LEU A 56 0.23 28.97 3.90
C LEU A 56 1.19 29.91 3.16
N ALA A 57 1.92 30.74 3.90
CA ALA A 57 2.86 31.68 3.31
C ALA A 57 3.99 31.92 4.29
N MET A 58 4.54 30.82 4.79
CA MET A 58 5.61 30.87 5.79
C MET A 58 6.88 31.62 5.41
N ASP A 59 7.32 31.48 4.17
CA ASP A 59 8.55 32.11 3.70
C ASP A 59 8.34 33.55 3.21
N VAL A 60 7.10 33.89 2.88
CA VAL A 60 6.76 35.23 2.40
C VAL A 60 6.92 36.29 3.48
N PRO A 61 7.63 37.39 3.18
CA PRO A 61 7.85 38.48 4.13
C PRO A 61 6.57 39.18 4.59
N GLU A 62 6.64 39.81 5.76
CA GLU A 62 5.52 40.53 6.35
C GLU A 62 4.91 41.54 5.38
N GLU A 63 5.76 42.28 4.68
CA GLU A 63 5.33 43.28 3.72
C GLU A 63 4.28 42.76 2.74
N LEU A 64 4.44 41.51 2.29
CA LEU A 64 3.48 40.92 1.35
C LEU A 64 2.37 40.14 2.05
N SER A 65 2.23 40.34 3.35
CA SER A 65 1.21 39.66 4.16
C SER A 65 1.61 38.22 4.46
N GLY A 66 2.91 37.95 4.44
CA GLY A 66 3.40 36.61 4.72
C GLY A 66 3.71 36.44 6.19
N ALA A 67 4.14 35.25 6.59
CA ALA A 67 4.45 34.95 7.98
C ALA A 67 5.82 35.48 8.41
N GLY A 68 6.68 35.78 7.45
CA GLY A 68 7.99 36.30 7.76
C GLY A 68 8.92 35.33 8.47
N LEU A 69 8.74 34.04 8.22
CA LEU A 69 9.58 33.03 8.85
C LEU A 69 10.62 32.56 7.82
N ASP A 70 11.09 31.32 7.98
CA ASP A 70 12.10 30.78 7.08
C ASP A 70 11.80 29.32 6.78
N TYR A 71 12.64 28.69 5.95
CA TYR A 71 12.40 27.31 5.58
C TYR A 71 12.62 26.28 6.68
N LEU A 72 13.40 26.61 7.71
CA LEU A 72 13.60 25.67 8.81
C LEU A 72 12.27 25.60 9.56
N ALA A 73 11.62 26.76 9.68
CA ALA A 73 10.33 26.85 10.36
C ALA A 73 9.28 26.11 9.53
N TYR A 74 9.35 26.31 8.22
CA TYR A 74 8.44 25.70 7.26
C TYR A 74 8.49 24.17 7.33
N SER A 75 9.69 23.62 7.41
CA SER A 75 9.86 22.17 7.48
C SER A 75 9.26 21.58 8.76
N ILE A 76 9.55 22.23 9.89
CA ILE A 76 9.04 21.77 11.18
C ILE A 76 7.51 21.82 11.24
N ALA A 77 6.95 22.90 10.71
CA ALA A 77 5.50 23.07 10.71
C ALA A 77 4.81 22.08 9.77
N LEU A 78 5.45 21.80 8.64
CA LEU A 78 4.89 20.88 7.66
C LEU A 78 4.90 19.44 8.15
N GLU A 79 5.92 19.08 8.94
CA GLU A 79 5.99 17.73 9.48
C GLU A 79 4.83 17.49 10.44
N GLU A 80 4.63 18.43 11.37
CA GLU A 80 3.56 18.32 12.36
C GLU A 80 2.19 18.23 11.71
N ILE A 81 1.98 19.03 10.68
CA ILE A 81 0.70 19.03 9.96
C ILE A 81 0.50 17.72 9.20
N SER A 82 1.54 17.27 8.50
CA SER A 82 1.47 16.03 7.73
C SER A 82 1.26 14.84 8.66
N ARG A 83 1.72 14.96 9.90
CA ARG A 83 1.56 13.89 10.87
C ARG A 83 0.06 13.75 11.18
N GLY A 84 -0.67 14.86 11.05
CA GLY A 84 -2.09 14.83 11.32
C GLY A 84 -2.89 14.41 10.10
N CYS A 85 -2.49 14.89 8.93
CA CYS A 85 -3.15 14.55 7.67
C CYS A 85 -2.21 14.84 6.50
N ALA A 86 -1.75 13.78 5.84
CA ALA A 86 -0.83 13.93 4.71
C ALA A 86 -1.38 14.78 3.57
N SER A 87 -2.69 14.73 3.35
CA SER A 87 -3.28 15.52 2.26
C SER A 87 -3.18 17.02 2.57
N THR A 88 -3.60 17.40 3.78
CA THR A 88 -3.55 18.80 4.18
C THR A 88 -2.11 19.28 4.08
N GLY A 89 -1.18 18.38 4.40
CA GLY A 89 0.23 18.71 4.34
C GLY A 89 0.72 19.10 2.95
N VAL A 90 0.32 18.34 1.92
CA VAL A 90 0.76 18.65 0.56
C VAL A 90 0.04 19.89 0.01
N ILE A 91 -1.22 20.07 0.40
CA ILE A 91 -1.99 21.23 -0.05
C ILE A 91 -1.25 22.48 0.42
N MET A 92 -0.69 22.39 1.62
CA MET A 92 0.06 23.48 2.23
C MET A 92 1.43 23.65 1.57
N SER A 93 2.08 22.53 1.29
CA SER A 93 3.40 22.53 0.67
C SER A 93 3.35 23.13 -0.74
N VAL A 94 2.30 22.79 -1.49
CA VAL A 94 2.16 23.30 -2.83
C VAL A 94 2.03 24.82 -2.85
N ASN A 95 1.13 25.37 -2.03
CA ASN A 95 0.94 26.82 -2.00
C ASN A 95 2.20 27.55 -1.60
N ASN A 96 2.92 26.99 -0.61
CA ASN A 96 4.15 27.59 -0.12
C ASN A 96 5.32 27.53 -1.10
N SER A 97 5.80 26.32 -1.37
CA SER A 97 6.95 26.11 -2.25
C SER A 97 6.75 26.26 -3.75
N LEU A 98 5.68 25.68 -4.28
CA LEU A 98 5.42 25.70 -5.71
C LEU A 98 4.69 26.90 -6.31
N TYR A 99 3.74 27.47 -5.59
CA TYR A 99 3.03 28.62 -6.14
C TYR A 99 3.72 29.93 -5.77
N LEU A 100 3.70 30.26 -4.49
CA LEU A 100 4.31 31.49 -4.00
C LEU A 100 5.82 31.52 -4.19
N GLY A 101 6.46 30.36 -4.03
CA GLY A 101 7.90 30.28 -4.16
C GLY A 101 8.52 30.93 -5.39
N PRO A 102 8.15 30.47 -6.60
CA PRO A 102 8.71 31.07 -7.81
C PRO A 102 8.32 32.53 -8.09
N ILE A 103 7.10 32.91 -7.72
CA ILE A 103 6.65 34.29 -7.95
C ILE A 103 7.48 35.23 -7.08
N LEU A 104 7.73 34.80 -5.85
CA LEU A 104 8.49 35.58 -4.90
C LEU A 104 9.94 35.73 -5.32
N LYS A 105 10.47 34.71 -5.99
CA LYS A 105 11.86 34.74 -6.41
C LYS A 105 12.12 35.35 -7.80
N PHE A 106 11.20 35.15 -8.72
CA PHE A 106 11.38 35.65 -10.09
C PHE A 106 10.42 36.76 -10.49
N GLY A 107 9.31 36.91 -9.78
CA GLY A 107 8.33 37.92 -10.13
C GLY A 107 8.76 39.36 -9.91
N SER A 108 8.07 40.28 -10.57
CA SER A 108 8.33 41.72 -10.44
C SER A 108 7.55 42.23 -9.25
N SER A 109 7.88 43.43 -8.80
CA SER A 109 7.18 44.02 -7.66
C SER A 109 5.67 43.94 -7.86
N GLN A 110 5.23 44.27 -9.07
CA GLN A 110 3.80 44.24 -9.38
C GLN A 110 3.21 42.84 -9.30
N GLN A 111 3.88 41.86 -9.89
CA GLN A 111 3.39 40.48 -9.87
C GLN A 111 3.28 39.97 -8.44
N LYS A 112 4.24 40.34 -7.60
CA LYS A 112 4.22 39.92 -6.22
C LYS A 112 2.97 40.45 -5.52
N GLN A 113 2.62 41.69 -5.81
CA GLN A 113 1.45 42.31 -5.19
C GLN A 113 0.10 41.73 -5.62
N GLN A 114 -0.05 41.36 -6.88
CA GLN A 114 -1.32 40.81 -7.30
C GLN A 114 -1.46 39.30 -7.29
N TRP A 115 -0.34 38.56 -7.30
CA TRP A 115 -0.42 37.10 -7.28
C TRP A 115 0.02 36.44 -5.97
N ILE A 116 0.70 37.19 -5.10
CA ILE A 116 1.15 36.67 -3.81
C ILE A 116 0.20 37.06 -2.69
N THR A 117 0.08 38.36 -2.45
CA THR A 117 -0.75 38.88 -1.37
C THR A 117 -2.14 38.25 -1.22
N PRO A 118 -2.87 38.03 -2.32
CA PRO A 118 -4.20 37.43 -2.23
C PRO A 118 -4.22 35.94 -1.90
N PHE A 119 -3.03 35.34 -1.78
CA PHE A 119 -2.92 33.90 -1.50
C PHE A 119 -2.10 33.62 -0.25
N THR A 120 -2.27 34.46 0.77
CA THR A 120 -1.53 34.28 2.01
C THR A 120 -2.38 34.07 3.24
N ASN A 121 -3.70 34.14 3.09
CA ASN A 121 -4.58 33.99 4.25
C ASN A 121 -5.50 32.78 4.25
N GLY A 122 -5.48 31.98 3.18
CA GLY A 122 -6.31 30.81 3.14
C GLY A 122 -7.58 30.90 2.29
N ASP A 123 -7.92 32.09 1.82
CA ASP A 123 -9.10 32.27 0.99
C ASP A 123 -8.85 31.78 -0.42
N LYS A 124 -7.61 31.87 -0.86
CA LYS A 124 -7.22 31.42 -2.20
C LYS A 124 -5.88 30.70 -2.15
N ILE A 125 -5.76 29.61 -2.90
CA ILE A 125 -4.52 28.84 -2.95
C ILE A 125 -4.14 28.62 -4.41
N GLY A 126 -2.86 28.41 -4.68
CA GLY A 126 -2.42 28.18 -6.04
C GLY A 126 -2.03 26.75 -6.36
N CYS A 127 -1.52 26.53 -7.57
CA CYS A 127 -1.06 25.21 -7.99
C CYS A 127 0.10 25.36 -8.96
N PHE A 128 0.73 24.25 -9.30
CA PHE A 128 1.91 24.23 -10.16
C PHE A 128 1.69 23.25 -11.30
N ALA A 129 1.82 23.73 -12.53
CA ALA A 129 1.59 22.87 -13.69
C ALA A 129 2.78 22.71 -14.62
N LEU A 130 3.56 21.65 -14.38
CA LEU A 130 4.74 21.35 -15.18
C LEU A 130 4.55 20.07 -15.98
N SER A 131 4.08 19.02 -15.30
CA SER A 131 3.88 17.71 -15.94
C SER A 131 2.79 17.68 -16.98
N GLU A 132 2.93 16.75 -17.92
CA GLU A 132 1.96 16.55 -18.99
C GLU A 132 1.74 15.05 -19.14
N PRO A 133 0.68 14.62 -19.86
CA PRO A 133 0.43 13.19 -20.02
C PRO A 133 1.61 12.42 -20.60
N GLY A 134 2.24 12.99 -21.61
CA GLY A 134 3.37 12.33 -22.25
C GLY A 134 4.72 12.46 -21.55
N ASN A 135 4.81 13.33 -20.55
CA ASN A 135 6.08 13.51 -19.85
C ASN A 135 5.96 14.10 -18.45
N GLY A 136 6.70 13.50 -17.52
CA GLY A 136 6.71 13.96 -16.13
C GLY A 136 8.17 14.10 -15.70
N SER A 137 8.90 12.99 -15.76
CA SER A 137 10.31 13.00 -15.39
C SER A 137 11.05 13.84 -16.41
N ASP A 138 10.74 13.59 -17.68
CA ASP A 138 11.34 14.30 -18.80
C ASP A 138 10.66 15.66 -18.84
N ALA A 139 11.01 16.51 -17.88
CA ALA A 139 10.43 17.84 -17.75
C ALA A 139 10.57 18.75 -18.96
N GLY A 140 11.76 18.79 -19.55
CA GLY A 140 12.00 19.65 -20.70
C GLY A 140 11.17 19.37 -21.94
N ALA A 141 10.53 18.21 -22.01
CA ALA A 141 9.73 17.85 -23.18
C ALA A 141 8.34 18.48 -23.17
N ALA A 142 8.23 19.71 -22.68
CA ALA A 142 6.94 20.39 -22.64
C ALA A 142 6.32 20.49 -24.04
N SER A 143 5.08 20.02 -24.17
CA SER A 143 4.38 20.05 -25.44
C SER A 143 3.36 21.19 -25.49
N THR A 144 2.91 21.64 -24.32
CA THR A 144 1.98 22.76 -24.22
C THR A 144 2.70 24.00 -24.78
N THR A 145 2.05 24.72 -25.69
CA THR A 145 2.68 25.89 -26.29
C THR A 145 2.04 27.22 -25.91
N ALA A 146 2.82 28.29 -26.09
CA ALA A 146 2.37 29.65 -25.83
C ALA A 146 2.82 30.56 -26.99
N ARG A 147 1.86 31.08 -27.75
CA ARG A 147 2.18 31.98 -28.86
C ARG A 147 1.93 33.40 -28.39
N GLU A 148 2.78 34.33 -28.80
CA GLU A 148 2.59 35.72 -28.42
C GLU A 148 1.75 36.43 -29.49
N GLU A 149 0.75 37.20 -29.05
CA GLU A 149 -0.11 37.94 -29.98
C GLU A 149 -0.13 39.43 -29.64
N GLY A 150 1.04 40.05 -29.60
CA GLY A 150 1.10 41.46 -29.30
C GLY A 150 1.07 41.75 -27.81
N ASP A 151 -0.12 41.98 -27.27
CA ASP A 151 -0.24 42.27 -25.85
C ASP A 151 -0.82 41.11 -25.04
N SER A 152 -0.64 39.89 -25.54
CA SER A 152 -1.14 38.70 -24.84
C SER A 152 -0.50 37.41 -25.37
N TRP A 153 -0.61 36.34 -24.59
CA TRP A 153 -0.08 35.03 -24.98
C TRP A 153 -1.28 34.10 -25.18
N VAL A 154 -1.13 33.12 -26.06
CA VAL A 154 -2.20 32.16 -26.33
C VAL A 154 -1.66 30.77 -26.03
N LEU A 155 -2.23 30.13 -25.00
CA LEU A 155 -1.82 28.81 -24.56
C LEU A 155 -2.67 27.69 -25.12
N ASN A 156 -1.99 26.62 -25.54
CA ASN A 156 -2.64 25.44 -26.09
C ASN A 156 -1.91 24.17 -25.64
N GLY A 157 -2.66 23.19 -25.16
CA GLY A 157 -2.04 21.95 -24.72
C GLY A 157 -2.64 21.42 -23.43
N THR A 158 -2.18 20.25 -23.01
CA THR A 158 -2.69 19.64 -21.78
C THR A 158 -1.63 19.45 -20.69
N LYS A 159 -1.99 19.84 -19.49
CA LYS A 159 -1.11 19.68 -18.33
C LYS A 159 -1.70 18.53 -17.53
N ALA A 160 -0.86 17.70 -16.93
CA ALA A 160 -1.37 16.55 -16.17
C ALA A 160 -1.00 16.49 -14.69
N TRP A 161 -1.83 15.78 -13.94
CA TRP A 161 -1.64 15.58 -12.51
C TRP A 161 -1.53 16.86 -11.69
N ILE A 162 -2.41 17.84 -11.89
CA ILE A 162 -2.27 19.06 -11.10
C ILE A 162 -2.94 19.02 -9.73
N THR A 163 -2.12 19.09 -8.69
CA THR A 163 -2.62 19.08 -7.32
C THR A 163 -3.25 20.44 -7.01
N ASN A 164 -4.41 20.43 -6.36
CA ASN A 164 -5.15 21.64 -6.00
C ASN A 164 -5.90 22.23 -7.18
N SER A 165 -5.78 21.60 -8.34
CA SER A 165 -6.43 22.09 -9.56
C SER A 165 -7.92 22.43 -9.40
N TRP A 166 -8.65 21.63 -8.63
CA TRP A 166 -10.09 21.89 -8.46
C TRP A 166 -10.41 22.92 -7.38
N GLU A 167 -9.41 23.45 -6.71
CA GLU A 167 -9.67 24.44 -5.65
C GLU A 167 -8.84 25.70 -5.81
N ALA A 168 -7.89 25.69 -6.73
CA ALA A 168 -7.01 26.84 -6.92
C ALA A 168 -7.63 28.00 -7.68
N SER A 169 -7.12 29.20 -7.42
CA SER A 169 -7.59 30.41 -8.08
C SER A 169 -6.51 30.97 -9.02
N ALA A 170 -5.40 30.24 -9.14
CA ALA A 170 -4.31 30.65 -10.02
C ALA A 170 -3.30 29.52 -10.16
N THR A 171 -2.53 29.54 -11.25
CA THR A 171 -1.53 28.50 -11.48
C THR A 171 -0.30 29.03 -12.21
N VAL A 172 0.84 28.41 -11.93
CA VAL A 172 2.09 28.78 -12.59
C VAL A 172 2.27 27.64 -13.59
N VAL A 173 2.08 27.95 -14.87
CA VAL A 173 2.19 26.95 -15.91
C VAL A 173 3.44 27.13 -16.78
N PHE A 174 4.01 26.00 -17.20
CA PHE A 174 5.21 26.02 -18.03
C PHE A 174 4.86 25.59 -19.44
N ALA A 175 5.16 26.45 -20.41
CA ALA A 175 4.85 26.15 -21.80
C ALA A 175 6.00 26.48 -22.73
N SER A 176 6.00 25.83 -23.89
CA SER A 176 7.04 26.05 -24.89
C SER A 176 6.75 27.32 -25.69
N THR A 177 7.73 28.22 -25.73
CA THR A 177 7.59 29.46 -26.47
C THR A 177 8.54 29.46 -27.66
N ASP A 178 9.42 28.46 -27.68
CA ASP A 178 10.40 28.31 -28.74
C ASP A 178 10.84 26.85 -28.84
N ARG A 179 10.17 26.10 -29.69
CA ARG A 179 10.45 24.68 -29.88
C ARG A 179 11.83 24.33 -30.42
N SER A 180 12.45 25.25 -31.16
CA SER A 180 13.77 24.97 -31.73
C SER A 180 14.89 24.95 -30.69
N ARG A 181 14.58 25.39 -29.48
CA ARG A 181 15.60 25.41 -28.42
C ARG A 181 15.26 24.36 -27.35
N GLN A 182 14.20 23.59 -27.61
CA GLN A 182 13.76 22.53 -26.71
C GLN A 182 13.65 22.94 -25.24
N ASN A 183 14.35 22.23 -24.36
CA ASN A 183 14.30 22.51 -22.93
C ASN A 183 14.87 23.89 -22.57
N LYS A 184 15.28 24.63 -23.58
CA LYS A 184 15.82 25.97 -23.37
C LYS A 184 14.84 26.97 -23.96
N GLY A 185 13.73 26.45 -24.47
CA GLY A 185 12.70 27.27 -25.07
C GLY A 185 11.38 27.19 -24.30
N ILE A 186 11.48 27.14 -22.98
CA ILE A 186 10.29 27.05 -22.14
C ILE A 186 10.16 28.29 -21.27
N SER A 187 8.93 28.73 -21.07
CA SER A 187 8.67 29.91 -20.25
C SER A 187 7.56 29.66 -19.23
N ALA A 188 7.63 30.38 -18.11
CA ALA A 188 6.64 30.25 -17.05
C ALA A 188 5.58 31.36 -17.19
N PHE A 189 4.33 31.02 -16.92
CA PHE A 189 3.22 31.98 -17.00
C PHE A 189 2.28 31.89 -15.81
N LEU A 190 1.74 33.05 -15.41
CA LEU A 190 0.79 33.12 -14.32
C LEU A 190 -0.60 33.15 -14.97
N VAL A 191 -1.44 32.19 -14.61
CA VAL A 191 -2.78 32.09 -15.19
C VAL A 191 -3.84 32.08 -14.10
N PRO A 192 -4.87 32.94 -14.21
CA PRO A 192 -5.92 32.97 -13.21
C PRO A 192 -6.90 31.81 -13.43
N MET A 193 -7.59 31.40 -12.38
CA MET A 193 -8.54 30.31 -12.46
C MET A 193 -9.81 30.67 -11.70
N PRO A 194 -10.97 30.62 -12.37
CA PRO A 194 -11.16 30.24 -13.77
C PRO A 194 -10.76 31.34 -14.75
N THR A 195 -10.77 31.00 -16.04
CA THR A 195 -10.45 31.93 -17.10
C THR A 195 -10.90 31.26 -18.39
N PRO A 196 -11.38 32.05 -19.38
CA PRO A 196 -11.83 31.49 -20.65
C PRO A 196 -10.74 30.69 -21.36
N GLY A 197 -11.11 29.52 -21.87
CA GLY A 197 -10.15 28.67 -22.55
C GLY A 197 -9.48 27.63 -21.66
N LEU A 198 -9.68 27.71 -20.35
CA LEU A 198 -9.09 26.75 -19.41
C LEU A 198 -10.17 25.81 -18.91
N THR A 199 -9.93 24.51 -19.05
CA THR A 199 -10.86 23.49 -18.60
C THR A 199 -10.16 22.54 -17.62
N LEU A 200 -10.90 22.05 -16.63
CA LEU A 200 -10.33 21.13 -15.65
C LEU A 200 -10.72 19.71 -16.00
N GLY A 201 -9.77 18.78 -15.86
CA GLY A 201 -10.07 17.38 -16.15
C GLY A 201 -10.83 16.76 -15.00
N LYS A 202 -11.26 15.52 -15.16
CA LYS A 202 -11.99 14.84 -14.10
C LYS A 202 -11.02 14.51 -12.97
N LYS A 203 -11.52 14.54 -11.74
CA LYS A 203 -10.68 14.24 -10.59
C LYS A 203 -10.18 12.80 -10.65
N GLU A 204 -8.90 12.61 -10.34
CA GLU A 204 -8.28 11.30 -10.35
C GLU A 204 -8.64 10.51 -9.10
N ASP A 205 -8.83 9.21 -9.27
CA ASP A 205 -9.13 8.32 -8.15
C ASP A 205 -7.76 7.73 -7.79
N LYS A 206 -7.20 8.13 -6.65
CA LYS A 206 -5.89 7.60 -6.30
C LYS A 206 -5.78 6.80 -5.02
N LEU A 207 -4.63 6.14 -4.87
CA LEU A 207 -4.35 5.29 -3.72
C LEU A 207 -4.31 6.06 -2.40
N GLY A 208 -3.56 7.16 -2.36
CA GLY A 208 -3.45 7.95 -1.15
C GLY A 208 -3.74 9.42 -1.30
N ILE A 209 -3.42 10.19 -0.26
CA ILE A 209 -3.68 11.64 -0.19
C ILE A 209 -4.93 11.97 -0.99
N ARG A 210 -5.96 11.17 -0.75
CA ARG A 210 -7.24 11.30 -1.45
C ARG A 210 -8.04 12.57 -1.18
N ALA A 211 -7.66 13.32 -0.15
CA ALA A 211 -8.35 14.56 0.18
C ALA A 211 -7.94 15.68 -0.78
N SER A 212 -6.76 15.55 -1.39
CA SER A 212 -6.29 16.56 -2.33
C SER A 212 -6.82 16.25 -3.73
N SER A 213 -7.03 17.27 -4.54
CA SER A 213 -7.53 17.04 -5.90
C SER A 213 -6.37 16.90 -6.87
N THR A 214 -6.56 16.04 -7.86
CA THR A 214 -5.54 15.82 -8.89
C THR A 214 -6.25 15.71 -10.23
N ALA A 215 -5.96 16.63 -11.13
CA ALA A 215 -6.60 16.61 -12.44
C ALA A 215 -5.77 17.32 -13.49
N ASN A 216 -6.16 17.15 -14.75
CA ASN A 216 -5.46 17.79 -15.85
C ASN A 216 -5.99 19.21 -16.03
N LEU A 217 -5.22 20.01 -16.75
CA LEU A 217 -5.61 21.38 -17.06
C LEU A 217 -5.56 21.41 -18.59
N ILE A 218 -6.71 21.59 -19.22
CA ILE A 218 -6.78 21.62 -20.68
C ILE A 218 -6.84 23.06 -21.18
N PHE A 219 -5.82 23.43 -21.97
CA PHE A 219 -5.76 24.77 -22.52
C PHE A 219 -6.13 24.73 -24.00
N GLU A 220 -7.15 25.50 -24.38
CA GLU A 220 -7.60 25.59 -25.76
C GLU A 220 -7.68 27.07 -26.09
N ASP A 221 -6.67 27.58 -26.79
CA ASP A 221 -6.62 29.00 -27.15
C ASP A 221 -6.88 29.89 -25.94
N CYS A 222 -6.26 29.55 -24.82
CA CYS A 222 -6.43 30.32 -23.59
C CYS A 222 -5.54 31.55 -23.68
N ARG A 223 -6.15 32.73 -23.68
CA ARG A 223 -5.39 33.97 -23.76
C ARG A 223 -5.17 34.64 -22.42
N ILE A 224 -3.96 35.16 -22.22
CA ILE A 224 -3.61 35.85 -20.99
C ILE A 224 -2.81 37.09 -21.34
N PRO A 225 -2.83 38.12 -20.49
CA PRO A 225 -2.05 39.32 -20.83
C PRO A 225 -0.56 39.02 -20.93
N LYS A 226 0.12 39.79 -21.77
CA LYS A 226 1.56 39.63 -22.00
C LYS A 226 2.38 39.74 -20.70
N GLU A 227 1.88 40.52 -19.75
CA GLU A 227 2.57 40.72 -18.47
C GLU A 227 2.50 39.51 -17.53
N ASN A 228 1.72 38.50 -17.88
CA ASN A 228 1.61 37.31 -17.04
C ASN A 228 2.85 36.42 -17.15
N LEU A 229 3.77 36.80 -18.02
CA LEU A 229 5.03 36.06 -18.20
C LEU A 229 5.86 36.24 -16.95
N LEU A 230 6.34 35.14 -16.38
CA LEU A 230 7.16 35.19 -15.18
C LEU A 230 8.63 35.01 -15.57
N GLY A 231 9.46 36.02 -15.28
CA GLY A 231 10.85 35.94 -15.65
C GLY A 231 10.99 36.26 -17.13
N GLU A 232 12.12 35.88 -17.72
CA GLU A 232 12.34 36.15 -19.15
C GLU A 232 12.02 34.93 -20.01
N PRO A 233 11.77 35.16 -21.31
CA PRO A 233 11.45 34.06 -22.22
C PRO A 233 12.62 33.06 -22.28
N GLY A 234 12.30 31.77 -22.14
CA GLY A 234 13.33 30.75 -22.18
C GLY A 234 13.88 30.41 -20.80
N MET A 235 13.43 31.14 -19.79
CA MET A 235 13.86 30.93 -18.41
C MET A 235 13.00 29.90 -17.70
N GLY A 236 12.01 29.38 -18.40
CA GLY A 236 11.10 28.40 -17.83
C GLY A 236 11.67 27.18 -17.13
N PHE A 237 12.61 26.50 -17.77
CA PHE A 237 13.20 25.29 -17.18
C PHE A 237 13.96 25.56 -15.89
N LYS A 238 14.75 26.62 -15.89
CA LYS A 238 15.54 26.98 -14.73
C LYS A 238 14.63 27.33 -13.54
N ILE A 239 13.51 28.00 -13.83
CA ILE A 239 12.55 28.38 -12.79
C ILE A 239 11.87 27.16 -12.18
N ALA A 240 11.50 26.21 -13.03
CA ALA A 240 10.85 25.01 -12.56
C ALA A 240 11.82 24.21 -11.69
N MET A 241 13.07 24.09 -12.14
CA MET A 241 14.10 23.37 -11.41
C MET A 241 14.40 23.98 -10.04
N GLN A 242 14.65 25.28 -9.99
CA GLN A 242 14.96 25.92 -8.72
C GLN A 242 13.74 25.87 -7.82
N THR A 243 12.55 25.93 -8.41
CA THR A 243 11.32 25.86 -7.64
C THR A 243 11.20 24.46 -7.04
N LEU A 244 11.55 23.44 -7.81
CA LEU A 244 11.48 22.06 -7.32
C LEU A 244 12.50 21.81 -6.20
N ASP A 245 13.63 22.51 -6.21
CA ASP A 245 14.61 22.33 -5.15
C ASP A 245 13.97 22.72 -3.82
N MET A 246 13.15 23.78 -3.86
CA MET A 246 12.47 24.24 -2.66
C MET A 246 11.34 23.28 -2.28
N GLY A 247 10.56 22.88 -3.28
CA GLY A 247 9.44 21.98 -3.04
C GLY A 247 9.85 20.62 -2.48
N ARG A 248 10.97 20.09 -2.96
CA ARG A 248 11.43 18.79 -2.50
C ARG A 248 11.71 18.80 -0.99
N ILE A 249 12.05 19.96 -0.43
CA ILE A 249 12.28 20.05 1.00
C ILE A 249 10.91 19.91 1.67
N GLY A 250 9.89 20.44 1.01
CA GLY A 250 8.54 20.36 1.53
C GLY A 250 8.00 18.93 1.53
N ILE A 251 8.28 18.19 0.46
CA ILE A 251 7.81 16.82 0.37
C ILE A 251 8.56 15.92 1.35
N ALA A 252 9.84 16.24 1.59
CA ALA A 252 10.62 15.46 2.55
C ALA A 252 9.96 15.65 3.93
N SER A 253 9.56 16.89 4.22
CA SER A 253 8.92 17.21 5.49
C SER A 253 7.58 16.49 5.65
N GLN A 254 6.80 16.41 4.59
CA GLN A 254 5.51 15.71 4.64
C GLN A 254 5.80 14.24 4.95
N ALA A 255 6.85 13.69 4.34
CA ALA A 255 7.23 12.29 4.56
C ALA A 255 7.60 12.03 6.02
N LEU A 256 8.36 12.94 6.62
CA LEU A 256 8.75 12.78 8.02
C LEU A 256 7.52 12.71 8.90
N GLY A 257 6.50 13.50 8.56
CA GLY A 257 5.26 13.52 9.33
C GLY A 257 4.51 12.20 9.25
N ILE A 258 4.44 11.61 8.05
CA ILE A 258 3.77 10.33 7.88
C ILE A 258 4.54 9.26 8.63
N ALA A 259 5.86 9.29 8.52
CA ALA A 259 6.71 8.33 9.23
C ALA A 259 6.56 8.47 10.74
N GLN A 260 6.49 9.70 11.22
CA GLN A 260 6.35 9.93 12.66
C GLN A 260 5.03 9.37 13.18
N ALA A 261 3.95 9.60 12.45
CA ALA A 261 2.63 9.09 12.84
C ALA A 261 2.65 7.57 12.85
N SER A 262 3.37 6.98 11.91
CA SER A 262 3.47 5.53 11.82
C SER A 262 4.22 4.97 13.03
N LEU A 263 5.33 5.60 13.40
CA LEU A 263 6.13 5.16 14.54
C LEU A 263 5.34 5.32 15.84
N ASP A 264 4.59 6.42 15.95
CA ASP A 264 3.77 6.70 17.12
C ASP A 264 2.73 5.60 17.33
N CYS A 265 2.03 5.26 16.25
CA CYS A 265 1.00 4.24 16.27
C CYS A 265 1.58 2.87 16.64
N ALA A 266 2.71 2.53 16.03
CA ALA A 266 3.36 1.25 16.30
C ALA A 266 3.81 1.10 17.74
N VAL A 267 4.45 2.14 18.29
CA VAL A 267 4.93 2.08 19.66
C VAL A 267 3.78 1.91 20.66
N LYS A 268 2.77 2.76 20.53
CA LYS A 268 1.62 2.72 21.44
C LYS A 268 0.92 1.37 21.39
N TYR A 269 0.75 0.82 20.20
CA TYR A 269 0.08 -0.47 20.05
C TYR A 269 0.91 -1.61 20.64
N ALA A 270 2.21 -1.59 20.38
CA ALA A 270 3.10 -2.63 20.88
C ALA A 270 3.19 -2.70 22.41
N GLU A 271 3.01 -1.56 23.08
CA GLU A 271 3.08 -1.53 24.54
C GLU A 271 1.78 -2.00 25.20
N ASN A 272 0.68 -1.98 24.46
CA ASN A 272 -0.60 -2.41 24.99
C ASN A 272 -1.01 -3.80 24.54
N ARG A 273 -0.56 -4.20 23.36
CA ARG A 273 -0.91 -5.52 22.83
C ARG A 273 -0.05 -6.60 23.47
N HIS A 274 -0.71 -7.63 24.01
CA HIS A 274 0.00 -8.73 24.62
C HIS A 274 0.00 -9.96 23.71
N ALA A 275 1.05 -10.75 23.80
CA ALA A 275 1.20 -11.97 23.02
C ALA A 275 2.20 -12.82 23.80
N PHE A 276 1.84 -14.06 24.06
CA PHE A 276 2.70 -14.97 24.80
C PHE A 276 2.98 -14.45 26.21
N GLY A 277 1.96 -13.85 26.82
CA GLY A 277 2.07 -13.35 28.18
C GLY A 277 2.82 -12.07 28.47
N ALA A 278 2.97 -11.19 27.47
CA ALA A 278 3.67 -9.94 27.69
C ALA A 278 3.49 -8.99 26.52
N PRO A 279 3.72 -7.68 26.75
CA PRO A 279 3.59 -6.68 25.68
C PRO A 279 4.50 -7.07 24.52
N LEU A 280 4.18 -6.60 23.31
CA LEU A 280 4.99 -6.90 22.14
C LEU A 280 6.39 -6.28 22.29
N THR A 281 6.49 -5.21 23.09
CA THR A 281 7.77 -4.54 23.32
C THR A 281 8.78 -5.38 24.08
N LYS A 282 8.38 -6.58 24.50
CA LYS A 282 9.28 -7.47 25.23
C LYS A 282 9.96 -8.42 24.25
N LEU A 283 9.40 -8.53 23.05
CA LEU A 283 9.95 -9.38 22.02
C LEU A 283 11.16 -8.68 21.40
N GLN A 284 12.31 -9.36 21.38
CA GLN A 284 13.52 -8.76 20.84
C GLN A 284 13.32 -8.23 19.42
N ASN A 285 12.66 -9.03 18.59
CA ASN A 285 12.40 -8.65 17.21
C ASN A 285 11.67 -7.32 17.07
N ILE A 286 10.63 -7.11 17.88
CA ILE A 286 9.88 -5.86 17.81
C ILE A 286 10.77 -4.68 18.19
N GLN A 287 11.65 -4.89 19.16
CA GLN A 287 12.57 -3.84 19.59
C GLN A 287 13.48 -3.42 18.44
N PHE A 288 14.09 -4.40 17.78
CA PHE A 288 14.97 -4.14 16.64
C PHE A 288 14.27 -3.36 15.54
N LYS A 289 13.01 -3.68 15.29
CA LYS A 289 12.23 -2.98 14.27
C LYS A 289 12.09 -1.51 14.64
N LEU A 290 11.58 -1.27 15.84
CA LEU A 290 11.39 0.09 16.34
C LEU A 290 12.69 0.88 16.33
N ALA A 291 13.81 0.17 16.54
CA ALA A 291 15.12 0.82 16.54
C ALA A 291 15.45 1.25 15.12
N ASP A 292 15.22 0.37 14.16
CA ASP A 292 15.50 0.68 12.76
C ASP A 292 14.59 1.79 12.24
N MET A 293 13.34 1.79 12.70
CA MET A 293 12.38 2.78 12.27
C MET A 293 12.77 4.17 12.80
N ALA A 294 13.15 4.25 14.07
CA ALA A 294 13.54 5.51 14.66
C ALA A 294 14.79 6.07 13.98
N LEU A 295 15.78 5.20 13.79
CA LEU A 295 17.03 5.59 13.15
C LEU A 295 16.75 6.22 11.77
N ALA A 296 15.99 5.50 10.95
CA ALA A 296 15.66 5.96 9.61
C ALA A 296 15.00 7.34 9.63
N LEU A 297 14.07 7.53 10.55
CA LEU A 297 13.34 8.79 10.68
C LEU A 297 14.21 9.94 11.13
N GLU A 298 14.96 9.75 12.21
CA GLU A 298 15.81 10.82 12.73
C GLU A 298 16.93 11.18 11.74
N SER A 299 17.38 10.21 10.93
CA SER A 299 18.40 10.47 9.93
C SER A 299 17.79 11.34 8.84
N ALA A 300 16.57 10.99 8.43
CA ALA A 300 15.88 11.72 7.39
C ALA A 300 15.57 13.16 7.80
N ARG A 301 15.27 13.36 9.08
CA ARG A 301 14.96 14.70 9.58
C ARG A 301 16.21 15.59 9.56
N LEU A 302 17.35 15.04 9.94
CA LEU A 302 18.59 15.81 9.95
C LEU A 302 18.94 16.27 8.52
N LEU A 303 18.79 15.36 7.56
CA LEU A 303 19.08 15.69 6.15
C LEU A 303 18.15 16.81 5.69
N THR A 304 16.87 16.69 6.05
CA THR A 304 15.86 17.67 5.69
C THR A 304 16.19 19.04 6.29
N TRP A 305 16.51 19.05 7.58
CA TRP A 305 16.85 20.29 8.26
C TRP A 305 18.11 20.94 7.66
N ARG A 306 19.07 20.12 7.26
CA ARG A 306 20.30 20.67 6.66
C ARG A 306 19.95 21.41 5.37
N ALA A 307 19.09 20.80 4.56
CA ALA A 307 18.67 21.39 3.30
C ALA A 307 17.90 22.69 3.53
N ALA A 308 16.97 22.66 4.49
CA ALA A 308 16.18 23.84 4.81
C ALA A 308 17.08 24.99 5.26
N MET A 309 18.08 24.69 6.07
CA MET A 309 19.00 25.71 6.58
C MET A 309 19.93 26.26 5.50
N LEU A 310 20.35 25.42 4.56
CA LEU A 310 21.23 25.90 3.50
C LEU A 310 20.44 26.88 2.63
N LYS A 311 19.16 26.60 2.43
CA LYS A 311 18.31 27.47 1.64
C LYS A 311 18.18 28.81 2.36
N ASP A 312 18.02 28.77 3.69
CA ASP A 312 17.90 30.00 4.47
C ASP A 312 19.19 30.81 4.42
N ASN A 313 20.34 30.13 4.45
CA ASN A 313 21.63 30.81 4.42
C ASN A 313 22.09 31.20 3.01
N LYS A 314 21.22 30.99 2.03
CA LYS A 314 21.52 31.35 0.65
C LYS A 314 22.72 30.60 0.07
N LYS A 315 22.79 29.31 0.37
CA LYS A 315 23.87 28.46 -0.13
C LYS A 315 23.25 27.43 -1.07
N PRO A 316 24.05 26.87 -1.99
CA PRO A 316 23.49 25.86 -2.91
C PRO A 316 22.93 24.69 -2.11
N PHE A 317 21.77 24.19 -2.50
CA PHE A 317 21.13 23.11 -1.77
C PHE A 317 20.41 22.09 -2.62
N THR A 318 20.67 22.08 -3.92
CA THR A 318 20.01 21.14 -4.83
C THR A 318 20.28 19.68 -4.46
N LYS A 319 21.54 19.34 -4.22
CA LYS A 319 21.90 17.98 -3.84
C LYS A 319 21.31 17.61 -2.47
N GLU A 320 21.46 18.51 -1.50
CA GLU A 320 20.95 18.29 -0.16
C GLU A 320 19.43 18.12 -0.15
N SER A 321 18.77 18.89 -1.01
CA SER A 321 17.33 18.82 -1.10
C SER A 321 16.92 17.46 -1.64
N ALA A 322 17.60 17.01 -2.69
CA ALA A 322 17.31 15.72 -3.29
C ALA A 322 17.55 14.57 -2.30
N MET A 323 18.62 14.68 -1.51
CA MET A 323 18.95 13.65 -0.53
C MET A 323 17.88 13.54 0.56
N ALA A 324 17.40 14.68 1.03
CA ALA A 324 16.38 14.70 2.08
C ALA A 324 15.07 14.10 1.55
N LYS A 325 14.67 14.52 0.36
CA LYS A 325 13.45 14.03 -0.26
C LYS A 325 13.50 12.51 -0.45
N LEU A 326 14.63 12.03 -0.99
CA LEU A 326 14.81 10.60 -1.23
C LEU A 326 14.79 9.78 0.06
N ALA A 327 15.66 10.13 1.00
CA ALA A 327 15.75 9.44 2.27
C ALA A 327 14.44 9.47 3.05
N ALA A 328 13.80 10.63 3.11
CA ALA A 328 12.55 10.77 3.84
C ALA A 328 11.43 9.94 3.24
N SER A 329 11.25 10.03 1.93
CA SER A 329 10.19 9.27 1.27
C SER A 329 10.39 7.75 1.41
N GLU A 330 11.60 7.27 1.18
CA GLU A 330 11.83 5.84 1.32
C GLU A 330 11.66 5.38 2.77
N ALA A 331 11.97 6.25 3.71
CA ALA A 331 11.81 5.93 5.12
C ALA A 331 10.32 5.83 5.47
N ALA A 332 9.52 6.69 4.86
CA ALA A 332 8.08 6.70 5.11
C ALA A 332 7.41 5.38 4.72
N THR A 333 7.75 4.86 3.55
CA THR A 333 7.17 3.60 3.10
C THR A 333 7.62 2.44 3.99
N ALA A 334 8.92 2.38 4.29
CA ALA A 334 9.45 1.30 5.14
C ALA A 334 8.84 1.34 6.53
N ILE A 335 8.84 2.53 7.15
CA ILE A 335 8.31 2.71 8.48
C ILE A 335 6.79 2.47 8.54
N SER A 336 6.06 3.01 7.57
CA SER A 336 4.62 2.78 7.57
C SER A 336 4.35 1.31 7.31
N HIS A 337 5.23 0.65 6.55
CA HIS A 337 5.06 -0.78 6.27
C HIS A 337 5.21 -1.62 7.54
N GLN A 338 6.18 -1.26 8.36
CA GLN A 338 6.44 -1.98 9.60
C GLN A 338 5.38 -1.71 10.66
N ALA A 339 4.73 -0.56 10.56
CA ALA A 339 3.67 -0.21 11.49
C ALA A 339 2.52 -1.18 11.27
N ILE A 340 2.18 -1.41 10.01
CA ILE A 340 1.10 -2.34 9.69
C ILE A 340 1.49 -3.72 10.21
N GLN A 341 2.75 -4.10 9.98
CA GLN A 341 3.25 -5.40 10.41
C GLN A 341 3.13 -5.59 11.91
N ILE A 342 3.59 -4.61 12.68
CA ILE A 342 3.52 -4.68 14.13
C ILE A 342 2.08 -4.76 14.63
N LEU A 343 1.15 -4.13 13.92
CA LEU A 343 -0.26 -4.17 14.31
C LEU A 343 -0.93 -5.49 13.93
N GLY A 344 -0.29 -6.25 13.04
CA GLY A 344 -0.85 -7.52 12.61
C GLY A 344 -2.16 -7.32 11.87
N GLY A 345 -3.15 -8.16 12.16
CA GLY A 345 -4.43 -8.05 11.49
C GLY A 345 -5.00 -6.65 11.58
N MET A 346 -4.86 -6.04 12.75
CA MET A 346 -5.36 -4.68 12.97
C MET A 346 -4.73 -3.67 12.03
N GLY A 347 -3.55 -4.00 11.48
CA GLY A 347 -2.88 -3.08 10.57
C GLY A 347 -3.47 -3.09 9.17
N TYR A 348 -4.28 -4.09 8.87
CA TYR A 348 -4.87 -4.21 7.53
C TYR A 348 -6.27 -3.63 7.38
N VAL A 349 -6.91 -3.27 8.50
CA VAL A 349 -8.27 -2.74 8.44
C VAL A 349 -8.39 -1.24 8.63
N THR A 350 -9.47 -0.69 8.10
CA THR A 350 -9.68 0.75 8.18
C THR A 350 -9.98 1.30 9.57
N GLU A 351 -10.14 0.42 10.56
CA GLU A 351 -10.40 0.85 11.94
C GLU A 351 -9.19 1.60 12.48
N MET A 352 -8.00 1.23 11.99
CA MET A 352 -6.75 1.85 12.41
C MET A 352 -6.22 2.71 11.26
N PRO A 353 -5.38 3.70 11.56
CA PRO A 353 -4.81 4.58 10.53
C PRO A 353 -3.56 4.08 9.83
N ALA A 354 -3.03 2.94 10.28
CA ALA A 354 -1.81 2.39 9.72
C ALA A 354 -1.85 2.17 8.20
N GLU A 355 -2.95 1.61 7.70
CA GLU A 355 -3.06 1.36 6.27
C GLU A 355 -3.14 2.67 5.47
N ARG A 356 -3.72 3.70 6.07
CA ARG A 356 -3.80 4.99 5.40
C ARG A 356 -2.39 5.58 5.30
N TYR A 357 -1.59 5.39 6.36
CA TYR A 357 -0.23 5.91 6.36
C TYR A 357 0.57 5.26 5.22
N TYR A 358 0.36 3.95 5.06
CA TYR A 358 1.02 3.18 4.03
C TYR A 358 0.66 3.70 2.63
N ARG A 359 -0.62 3.99 2.43
CA ARG A 359 -1.11 4.49 1.16
C ARG A 359 -0.63 5.92 0.88
N ASP A 360 -0.65 6.78 1.90
CA ASP A 360 -0.19 8.16 1.74
C ASP A 360 1.31 8.26 1.49
N ALA A 361 2.07 7.41 2.18
CA ALA A 361 3.53 7.40 2.03
C ALA A 361 4.00 7.06 0.62
N ARG A 362 3.31 6.13 -0.05
CA ARG A 362 3.69 5.70 -1.38
C ARG A 362 3.85 6.81 -2.42
N ILE A 363 3.11 7.90 -2.27
CA ILE A 363 3.21 8.97 -3.25
C ILE A 363 4.49 9.80 -3.11
N THR A 364 5.04 9.86 -1.89
CA THR A 364 6.24 10.65 -1.66
C THR A 364 7.47 10.14 -2.41
N GLU A 365 7.40 8.89 -2.86
CA GLU A 365 8.48 8.28 -3.62
C GLU A 365 8.33 8.59 -5.10
N ILE A 366 7.20 9.19 -5.47
CA ILE A 366 6.94 9.50 -6.86
C ILE A 366 6.91 10.97 -7.29
N TYR A 367 5.99 11.76 -6.75
CA TYR A 367 5.90 13.15 -7.18
C TYR A 367 7.02 14.10 -6.78
N GLU A 368 7.15 15.16 -7.56
CA GLU A 368 8.19 16.19 -7.42
C GLU A 368 9.54 15.53 -7.72
N GLY A 369 9.49 14.51 -8.56
CA GLY A 369 10.70 13.80 -8.93
C GLY A 369 10.76 12.44 -8.26
N THR A 370 10.71 11.38 -9.06
CA THR A 370 10.77 10.03 -8.52
C THR A 370 12.12 9.79 -7.87
N SER A 371 12.19 8.75 -7.04
CA SER A 371 13.43 8.39 -6.36
C SER A 371 14.57 8.18 -7.36
N GLU A 372 14.26 7.63 -8.53
CA GLU A 372 15.29 7.40 -9.54
C GLU A 372 15.90 8.73 -9.99
N ILE A 373 15.04 9.73 -10.16
CA ILE A 373 15.49 11.06 -10.59
C ILE A 373 16.28 11.77 -9.50
N GLN A 374 15.90 11.58 -8.24
CA GLN A 374 16.64 12.20 -7.14
C GLN A 374 18.05 11.62 -7.14
N ARG A 375 18.15 10.33 -7.39
CA ARG A 375 19.45 9.66 -7.42
C ARG A 375 20.33 10.20 -8.56
N LEU A 376 19.73 10.50 -9.70
CA LEU A 376 20.50 11.05 -10.82
C LEU A 376 21.02 12.43 -10.45
N VAL A 377 20.16 13.23 -9.82
CA VAL A 377 20.50 14.58 -9.40
C VAL A 377 21.67 14.56 -8.43
N ILE A 378 21.60 13.66 -7.45
CA ILE A 378 22.65 13.53 -6.44
C ILE A 378 24.00 13.17 -7.07
N ALA A 379 24.00 12.17 -7.95
CA ALA A 379 25.22 11.73 -8.61
C ALA A 379 25.85 12.86 -9.44
N GLY A 380 25.01 13.62 -10.13
CA GLY A 380 25.51 14.72 -10.95
C GLY A 380 26.29 15.73 -10.14
N HIS A 381 25.75 16.12 -8.98
CA HIS A 381 26.41 17.09 -8.12
C HIS A 381 27.59 16.50 -7.37
N LEU A 382 27.47 15.23 -7.00
CA LEU A 382 28.54 14.54 -6.30
C LEU A 382 29.77 14.51 -7.21
N LEU A 383 29.57 14.11 -8.46
CA LEU A 383 30.69 14.03 -9.40
C LEU A 383 31.26 15.41 -9.71
N ARG A 384 30.39 16.41 -9.81
CA ARG A 384 30.82 17.77 -10.09
C ARG A 384 31.78 18.27 -9.02
N SER A 385 31.52 17.90 -7.76
CA SER A 385 32.37 18.32 -6.65
C SER A 385 33.73 17.62 -6.70
N TYR A 386 33.79 16.49 -7.39
CA TYR A 386 35.03 15.73 -7.51
C TYR A 386 35.85 16.18 -8.72
N ARG A 387 35.19 16.80 -9.69
CA ARG A 387 35.86 17.29 -10.88
C ARG A 387 36.74 18.48 -10.53
N VAL B 4 7.31 -15.38 -19.41
CA VAL B 4 7.10 -16.65 -18.66
C VAL B 4 8.43 -17.14 -18.09
N TYR B 5 8.39 -18.30 -17.43
CA TYR B 5 9.59 -18.89 -16.84
C TYR B 5 9.77 -20.29 -17.42
N GLN B 6 11.01 -20.77 -17.42
CA GLN B 6 11.31 -22.10 -17.95
C GLN B 6 11.42 -23.10 -16.80
N SER B 7 10.58 -24.13 -16.86
CA SER B 7 10.57 -25.17 -15.83
C SER B 7 11.36 -26.39 -16.28
N VAL B 8 11.80 -27.21 -15.32
CA VAL B 8 12.55 -28.41 -15.63
C VAL B 8 11.79 -29.29 -16.64
N GLU B 9 10.84 -30.09 -16.16
CA GLU B 9 10.06 -30.94 -17.06
C GLU B 9 8.79 -31.43 -16.36
N LEU B 10 7.76 -30.59 -16.39
CA LEU B 10 6.48 -30.92 -15.76
C LEU B 10 5.72 -32.01 -16.50
N PRO B 11 4.94 -32.83 -15.77
CA PRO B 11 4.17 -33.89 -16.41
C PRO B 11 3.11 -33.19 -17.28
N GLU B 12 2.65 -33.85 -18.34
CA GLU B 12 1.64 -33.23 -19.20
C GLU B 12 0.40 -32.74 -18.45
N THR B 13 -0.06 -33.51 -17.46
CA THR B 13 -1.24 -33.12 -16.70
C THR B 13 -1.09 -31.75 -16.07
N HIS B 14 0.06 -31.47 -15.47
CA HIS B 14 0.32 -30.19 -14.82
C HIS B 14 0.57 -29.07 -15.83
N GLN B 15 1.28 -29.37 -16.90
CA GLN B 15 1.54 -28.36 -17.94
C GLN B 15 0.21 -27.96 -18.56
N MET B 16 -0.64 -28.96 -18.78
CA MET B 16 -1.95 -28.73 -19.37
C MET B 16 -2.85 -27.97 -18.41
N LEU B 17 -2.77 -28.30 -17.13
CA LEU B 17 -3.57 -27.63 -16.10
C LEU B 17 -3.21 -26.16 -16.00
N ARG B 18 -1.94 -25.86 -16.17
CA ARG B 18 -1.49 -24.47 -16.10
C ARG B 18 -2.20 -23.66 -17.18
N GLN B 19 -2.25 -24.21 -18.39
CA GLN B 19 -2.91 -23.54 -19.52
C GLN B 19 -4.40 -23.30 -19.24
N THR B 20 -5.08 -24.33 -18.74
CA THR B 20 -6.50 -24.23 -18.43
C THR B 20 -6.79 -23.11 -17.45
N CYS B 21 -6.02 -23.08 -16.36
CA CYS B 21 -6.21 -22.07 -15.33
C CYS B 21 -5.86 -20.67 -15.79
N ARG B 22 -4.83 -20.55 -16.62
CA ARG B 22 -4.44 -19.24 -17.12
C ARG B 22 -5.50 -18.70 -18.07
N ASP B 23 -6.05 -19.57 -18.93
CA ASP B 23 -7.09 -19.16 -19.87
C ASP B 23 -8.34 -18.76 -19.06
N PHE B 24 -8.61 -19.52 -18.00
CA PHE B 24 -9.76 -19.24 -17.15
C PHE B 24 -9.60 -17.85 -16.52
N ALA B 25 -8.46 -17.63 -15.88
CA ALA B 25 -8.20 -16.36 -15.22
C ALA B 25 -8.28 -15.20 -16.20
N GLU B 26 -7.69 -15.40 -17.36
CA GLU B 26 -7.66 -14.38 -18.41
C GLU B 26 -9.05 -14.00 -18.90
N LYS B 27 -9.92 -15.00 -19.04
CA LYS B 27 -11.27 -14.77 -19.54
C LYS B 27 -12.33 -14.44 -18.48
N GLU B 28 -12.28 -15.13 -17.34
CA GLU B 28 -13.28 -14.93 -16.29
C GLU B 28 -12.93 -13.98 -15.14
N LEU B 29 -11.66 -13.85 -14.81
CA LEU B 29 -11.27 -13.01 -13.69
C LEU B 29 -10.69 -11.63 -13.98
N VAL B 30 -9.68 -11.59 -14.84
CA VAL B 30 -9.02 -10.34 -15.20
C VAL B 30 -9.98 -9.18 -15.54
N PRO B 31 -10.97 -9.43 -16.42
CA PRO B 31 -11.90 -8.35 -16.76
C PRO B 31 -12.82 -7.85 -15.66
N ILE B 32 -12.98 -8.61 -14.57
CA ILE B 32 -13.86 -8.17 -13.49
C ILE B 32 -13.15 -7.90 -12.16
N ALA B 33 -11.85 -8.17 -12.10
CA ALA B 33 -11.10 -7.99 -10.87
C ALA B 33 -11.23 -6.59 -10.28
N ALA B 34 -11.19 -5.56 -11.12
CA ALA B 34 -11.32 -4.18 -10.64
C ALA B 34 -12.66 -3.92 -9.97
N GLN B 35 -13.74 -4.41 -10.58
CA GLN B 35 -15.07 -4.23 -10.03
C GLN B 35 -15.23 -4.97 -8.69
N LEU B 36 -14.70 -6.19 -8.62
CA LEU B 36 -14.81 -6.99 -7.40
C LEU B 36 -14.16 -6.25 -6.24
N ASP B 37 -12.97 -5.72 -6.47
CA ASP B 37 -12.26 -4.98 -5.45
C ASP B 37 -13.02 -3.74 -5.03
N LYS B 38 -13.45 -2.97 -6.03
CA LYS B 38 -14.17 -1.72 -5.77
C LYS B 38 -15.51 -1.91 -5.05
N GLU B 39 -16.25 -2.94 -5.43
CA GLU B 39 -17.54 -3.19 -4.79
C GLU B 39 -17.50 -4.18 -3.63
N HIS B 40 -16.33 -4.77 -3.37
CA HIS B 40 -16.20 -5.75 -2.29
C HIS B 40 -17.21 -6.85 -2.60
N LEU B 41 -17.30 -7.20 -3.87
CA LEU B 41 -18.24 -8.21 -4.36
C LEU B 41 -17.67 -9.63 -4.40
N PHE B 42 -18.33 -10.56 -3.72
CA PHE B 42 -17.91 -11.95 -3.74
C PHE B 42 -18.26 -12.47 -5.12
N PRO B 43 -17.29 -13.05 -5.85
CA PRO B 43 -17.50 -13.58 -7.21
C PRO B 43 -18.23 -14.93 -7.25
N THR B 44 -19.51 -14.91 -6.92
CA THR B 44 -20.34 -16.11 -6.88
C THR B 44 -20.33 -16.97 -8.15
N SER B 45 -20.60 -16.37 -9.30
CA SER B 45 -20.61 -17.11 -10.55
C SER B 45 -19.28 -17.77 -10.86
N GLN B 46 -18.19 -17.05 -10.62
CA GLN B 46 -16.87 -17.57 -10.89
C GLN B 46 -16.47 -18.70 -9.95
N VAL B 47 -16.80 -18.58 -8.67
CA VAL B 47 -16.45 -19.64 -7.73
C VAL B 47 -17.14 -20.94 -8.12
N LYS B 48 -18.38 -20.84 -8.56
CA LYS B 48 -19.12 -22.03 -8.99
C LYS B 48 -18.42 -22.67 -10.19
N LYS B 49 -18.02 -21.85 -11.16
CA LYS B 49 -17.34 -22.34 -12.36
C LYS B 49 -16.06 -23.09 -11.97
N MET B 50 -15.29 -22.49 -11.08
CA MET B 50 -14.05 -23.07 -10.59
C MET B 50 -14.39 -24.38 -9.90
N GLY B 51 -15.54 -24.40 -9.24
CA GLY B 51 -15.97 -25.62 -8.57
C GLY B 51 -16.18 -26.69 -9.61
N GLU B 52 -16.86 -26.33 -10.70
CA GLU B 52 -17.13 -27.24 -11.80
C GLU B 52 -15.85 -27.75 -12.44
N LEU B 53 -14.81 -26.91 -12.47
CA LEU B 53 -13.54 -27.30 -13.05
C LEU B 53 -12.78 -28.22 -12.09
N GLY B 54 -13.25 -28.29 -10.85
CA GLY B 54 -12.60 -29.12 -9.86
C GLY B 54 -11.45 -28.40 -9.13
N LEU B 55 -11.42 -27.08 -9.19
CA LEU B 55 -10.36 -26.30 -8.55
C LEU B 55 -10.58 -26.01 -7.06
N LEU B 56 -11.77 -26.32 -6.54
CA LEU B 56 -12.07 -26.09 -5.13
C LEU B 56 -11.81 -27.30 -4.24
N ALA B 57 -11.33 -28.39 -4.84
CA ALA B 57 -11.05 -29.62 -4.10
C ALA B 57 -10.06 -30.43 -4.92
N MET B 58 -8.91 -29.82 -5.22
CA MET B 58 -7.89 -30.44 -6.03
C MET B 58 -7.18 -31.67 -5.48
N ASP B 59 -6.87 -31.64 -4.18
CA ASP B 59 -6.17 -32.74 -3.53
C ASP B 59 -7.10 -33.84 -3.04
N VAL B 60 -8.40 -33.65 -3.22
CA VAL B 60 -9.39 -34.62 -2.77
C VAL B 60 -9.58 -35.73 -3.79
N PRO B 61 -9.53 -36.99 -3.34
CA PRO B 61 -9.69 -38.13 -4.26
C PRO B 61 -11.04 -38.09 -4.96
N GLU B 62 -11.08 -38.67 -6.16
CA GLU B 62 -12.29 -38.72 -6.97
C GLU B 62 -13.46 -39.42 -6.28
N GLU B 63 -13.16 -40.45 -5.48
CA GLU B 63 -14.19 -41.20 -4.76
C GLU B 63 -15.07 -40.25 -3.94
N LEU B 64 -14.47 -39.17 -3.45
CA LEU B 64 -15.20 -38.21 -2.64
C LEU B 64 -15.63 -36.99 -3.45
N SER B 65 -15.59 -37.13 -4.77
CA SER B 65 -15.99 -36.06 -5.69
C SER B 65 -14.91 -34.99 -5.91
N GLY B 66 -13.67 -35.31 -5.55
CA GLY B 66 -12.57 -34.37 -5.72
C GLY B 66 -11.94 -34.51 -7.10
N ALA B 67 -11.03 -33.59 -7.45
CA ALA B 67 -10.38 -33.63 -8.75
C ALA B 67 -9.29 -34.71 -8.81
N GLY B 68 -8.89 -35.21 -7.65
CA GLY B 68 -7.87 -36.26 -7.60
C GLY B 68 -6.46 -35.88 -8.04
N LEU B 69 -6.06 -34.62 -7.83
CA LEU B 69 -4.72 -34.20 -8.20
C LEU B 69 -3.78 -34.19 -7.00
N ASP B 70 -2.84 -33.25 -6.96
CA ASP B 70 -1.90 -33.17 -5.85
C ASP B 70 -1.57 -31.71 -5.54
N TYR B 71 -0.71 -31.50 -4.55
CA TYR B 71 -0.35 -30.14 -4.17
C TYR B 71 0.50 -29.37 -5.18
N LEU B 72 1.22 -30.09 -6.04
CA LEU B 72 2.02 -29.42 -7.07
C LEU B 72 1.02 -28.77 -8.04
N ALA B 73 0.00 -29.53 -8.41
CA ALA B 73 -1.03 -29.03 -9.33
C ALA B 73 -1.82 -27.91 -8.67
N TYR B 74 -2.08 -28.06 -7.37
CA TYR B 74 -2.79 -27.07 -6.57
C TYR B 74 -2.03 -25.75 -6.59
N SER B 75 -0.73 -25.82 -6.37
CA SER B 75 0.12 -24.64 -6.35
C SER B 75 0.09 -23.95 -7.71
N ILE B 76 0.32 -24.73 -8.76
CA ILE B 76 0.32 -24.19 -10.11
C ILE B 76 -1.02 -23.54 -10.44
N ALA B 77 -2.10 -24.25 -10.15
CA ALA B 77 -3.43 -23.72 -10.45
C ALA B 77 -3.73 -22.45 -9.66
N LEU B 78 -3.39 -22.46 -8.37
CA LEU B 78 -3.64 -21.31 -7.50
C LEU B 78 -2.87 -20.06 -7.91
N GLU B 79 -1.66 -20.25 -8.44
CA GLU B 79 -0.89 -19.10 -8.90
C GLU B 79 -1.61 -18.45 -10.09
N GLU B 80 -1.99 -19.24 -11.07
CA GLU B 80 -2.67 -18.70 -12.25
C GLU B 80 -3.97 -17.98 -11.89
N ILE B 81 -4.72 -18.53 -10.94
CA ILE B 81 -5.97 -17.91 -10.51
C ILE B 81 -5.72 -16.58 -9.80
N SER B 82 -4.76 -16.58 -8.88
CA SER B 82 -4.41 -15.40 -8.10
C SER B 82 -3.84 -14.29 -8.97
N ARG B 83 -3.29 -14.65 -10.12
CA ARG B 83 -2.74 -13.66 -11.03
C ARG B 83 -3.91 -12.87 -11.60
N GLY B 84 -5.05 -13.54 -11.75
CA GLY B 84 -6.24 -12.91 -12.28
C GLY B 84 -7.00 -12.12 -11.23
N CYS B 85 -7.08 -12.66 -10.02
CA CYS B 85 -7.76 -11.99 -8.90
C CYS B 85 -7.25 -12.59 -7.58
N ALA B 86 -6.62 -11.76 -6.76
CA ALA B 86 -6.09 -12.23 -5.49
C ALA B 86 -7.17 -12.68 -4.51
N SER B 87 -8.35 -12.08 -4.55
CA SER B 87 -9.44 -12.48 -3.64
C SER B 87 -9.92 -13.89 -3.97
N THR B 88 -10.24 -14.10 -5.24
CA THR B 88 -10.71 -15.40 -5.70
C THR B 88 -9.71 -16.49 -5.30
N GLY B 89 -8.44 -16.16 -5.38
CA GLY B 89 -7.41 -17.12 -5.03
C GLY B 89 -7.44 -17.52 -3.55
N VAL B 90 -7.64 -16.56 -2.66
CA VAL B 90 -7.67 -16.91 -1.24
C VAL B 90 -8.96 -17.64 -0.89
N ILE B 91 -10.04 -17.33 -1.60
CA ILE B 91 -11.31 -18.03 -1.36
C ILE B 91 -11.10 -19.51 -1.68
N MET B 92 -10.38 -19.75 -2.77
CA MET B 92 -10.06 -21.09 -3.25
C MET B 92 -9.08 -21.81 -2.33
N SER B 93 -8.05 -21.09 -1.89
CA SER B 93 -7.04 -21.67 -1.01
C SER B 93 -7.66 -22.10 0.33
N VAL B 94 -8.55 -21.28 0.87
CA VAL B 94 -9.20 -21.63 2.13
C VAL B 94 -10.00 -22.92 2.03
N ASN B 95 -10.83 -23.05 1.00
CA ASN B 95 -11.62 -24.26 0.86
C ASN B 95 -10.74 -25.49 0.71
N ASN B 96 -9.70 -25.39 -0.11
CA ASN B 96 -8.77 -26.49 -0.37
C ASN B 96 -7.95 -26.93 0.83
N SER B 97 -7.10 -26.03 1.33
CA SER B 97 -6.19 -26.33 2.44
C SER B 97 -6.76 -26.24 3.85
N LEU B 98 -7.47 -25.16 4.17
CA LEU B 98 -8.00 -24.97 5.51
C LEU B 98 -9.30 -25.70 5.89
N TYR B 99 -10.18 -25.95 4.92
CA TYR B 99 -11.41 -26.66 5.25
C TYR B 99 -11.35 -28.15 4.93
N LEU B 100 -11.16 -28.49 3.66
CA LEU B 100 -11.10 -29.89 3.24
C LEU B 100 -9.84 -30.60 3.73
N GLY B 101 -8.72 -29.89 3.74
CA GLY B 101 -7.47 -30.48 4.19
C GLY B 101 -7.54 -31.20 5.52
N PRO B 102 -7.95 -30.50 6.59
CA PRO B 102 -8.04 -31.14 7.91
C PRO B 102 -9.05 -32.31 7.97
N ILE B 103 -10.19 -32.15 7.31
CA ILE B 103 -11.22 -33.19 7.32
C ILE B 103 -10.74 -34.45 6.60
N LEU B 104 -9.99 -34.25 5.53
CA LEU B 104 -9.46 -35.34 4.75
C LEU B 104 -8.37 -36.10 5.51
N LYS B 105 -7.59 -35.36 6.29
CA LYS B 105 -6.49 -35.96 7.01
C LYS B 105 -6.86 -36.60 8.36
N PHE B 106 -7.77 -35.98 9.10
CA PHE B 106 -8.16 -36.49 10.41
C PHE B 106 -9.60 -36.93 10.55
N GLY B 107 -10.40 -36.72 9.52
CA GLY B 107 -11.81 -37.10 9.60
C GLY B 107 -12.06 -38.58 9.49
N SER B 108 -13.16 -39.02 10.09
CA SER B 108 -13.56 -40.43 10.03
C SER B 108 -14.19 -40.63 8.66
N SER B 109 -14.35 -41.88 8.27
CA SER B 109 -14.95 -42.20 6.97
C SER B 109 -16.28 -41.47 6.79
N GLN B 110 -17.08 -41.45 7.85
CA GLN B 110 -18.38 -40.80 7.79
C GLN B 110 -18.26 -39.28 7.69
N GLN B 111 -17.32 -38.70 8.43
CA GLN B 111 -17.15 -37.25 8.38
C GLN B 111 -16.72 -36.80 6.99
N LYS B 112 -15.90 -37.60 6.33
CA LYS B 112 -15.45 -37.27 4.98
C LYS B 112 -16.63 -37.25 3.99
N GLN B 113 -17.57 -38.17 4.13
CA GLN B 113 -18.73 -38.21 3.25
C GLN B 113 -19.66 -37.03 3.51
N GLN B 114 -19.89 -36.73 4.78
CA GLN B 114 -20.78 -35.65 5.18
C GLN B 114 -20.24 -34.23 4.96
N TRP B 115 -18.97 -34.02 5.29
CA TRP B 115 -18.38 -32.69 5.19
C TRP B 115 -17.46 -32.37 4.02
N ILE B 116 -17.04 -33.38 3.28
CA ILE B 116 -16.18 -33.11 2.14
C ILE B 116 -16.97 -33.06 0.83
N THR B 117 -17.69 -34.14 0.54
CA THR B 117 -18.46 -34.25 -0.69
C THR B 117 -19.35 -33.07 -1.09
N PRO B 118 -20.17 -32.55 -0.16
CA PRO B 118 -21.05 -31.42 -0.49
C PRO B 118 -20.30 -30.10 -0.72
N PHE B 119 -18.99 -30.11 -0.51
CA PHE B 119 -18.18 -28.91 -0.66
C PHE B 119 -17.15 -28.96 -1.78
N THR B 120 -17.37 -29.82 -2.77
CA THR B 120 -16.41 -29.97 -3.86
C THR B 120 -16.82 -29.39 -5.21
N ASN B 121 -18.09 -29.04 -5.36
CA ASN B 121 -18.57 -28.53 -6.66
C ASN B 121 -18.85 -27.03 -6.74
N GLY B 122 -18.57 -26.30 -5.67
CA GLY B 122 -18.80 -24.86 -5.73
C GLY B 122 -20.15 -24.38 -5.23
N ASP B 123 -21.03 -25.30 -4.84
CA ASP B 123 -22.33 -24.88 -4.30
C ASP B 123 -22.08 -24.39 -2.88
N LYS B 124 -21.18 -25.06 -2.18
CA LYS B 124 -20.87 -24.69 -0.80
C LYS B 124 -19.37 -24.65 -0.59
N ILE B 125 -18.92 -23.77 0.31
CA ILE B 125 -17.51 -23.66 0.64
C ILE B 125 -17.39 -23.53 2.16
N GLY B 126 -16.18 -23.76 2.68
CA GLY B 126 -15.96 -23.67 4.11
C GLY B 126 -14.99 -22.59 4.54
N CYS B 127 -14.77 -22.51 5.85
CA CYS B 127 -13.86 -21.53 6.43
C CYS B 127 -13.10 -22.16 7.59
N PHE B 128 -12.06 -21.46 8.06
CA PHE B 128 -11.18 -21.93 9.12
C PHE B 128 -11.17 -20.92 10.27
N ALA B 129 -11.63 -21.35 11.45
CA ALA B 129 -11.71 -20.42 12.58
C ALA B 129 -10.78 -20.74 13.76
N LEU B 130 -9.57 -20.19 13.71
CA LEU B 130 -8.58 -20.41 14.76
C LEU B 130 -8.35 -19.16 15.61
N SER B 131 -8.07 -18.04 14.96
CA SER B 131 -7.78 -16.77 15.62
C SER B 131 -8.95 -16.19 16.42
N GLU B 132 -8.60 -15.34 17.38
CA GLU B 132 -9.58 -14.68 18.23
C GLU B 132 -9.12 -13.22 18.37
N PRO B 133 -10.00 -12.32 18.85
CA PRO B 133 -9.62 -10.92 19.02
C PRO B 133 -8.34 -10.72 19.83
N GLY B 134 -8.19 -11.52 20.88
CA GLY B 134 -7.01 -11.39 21.74
C GLY B 134 -5.77 -12.16 21.32
N ASN B 135 -5.87 -13.01 20.31
CA ASN B 135 -4.71 -13.78 19.88
C ASN B 135 -4.77 -14.29 18.45
N GLY B 136 -3.64 -14.14 17.76
CA GLY B 136 -3.52 -14.59 16.38
C GLY B 136 -2.25 -15.41 16.30
N SER B 137 -1.11 -14.74 16.48
CA SER B 137 0.19 -15.42 16.45
C SER B 137 0.25 -16.45 17.57
N ASP B 138 -0.25 -16.07 18.74
CA ASP B 138 -0.29 -16.96 19.90
C ASP B 138 -1.55 -17.82 19.74
N ALA B 139 -1.47 -18.80 18.85
CA ALA B 139 -2.62 -19.67 18.55
C ALA B 139 -3.14 -20.53 19.71
N GLY B 140 -2.26 -20.89 20.64
CA GLY B 140 -2.67 -21.73 21.76
C GLY B 140 -3.40 -21.05 22.90
N ALA B 141 -3.58 -19.74 22.83
CA ALA B 141 -4.26 -18.97 23.88
C ALA B 141 -5.75 -18.78 23.64
N ALA B 142 -6.36 -19.69 22.88
CA ALA B 142 -7.78 -19.59 22.58
C ALA B 142 -8.65 -19.50 23.84
N SER B 143 -9.61 -18.57 23.81
CA SER B 143 -10.52 -18.36 24.93
C SER B 143 -11.87 -19.02 24.67
N THR B 144 -12.14 -19.36 23.41
CA THR B 144 -13.41 -20.00 23.07
C THR B 144 -13.43 -21.38 23.71
N THR B 145 -14.54 -21.72 24.36
CA THR B 145 -14.65 -23.00 25.03
C THR B 145 -15.68 -23.96 24.46
N ALA B 146 -15.48 -25.24 24.74
CA ALA B 146 -16.37 -26.30 24.30
C ALA B 146 -16.54 -27.26 25.47
N ARG B 147 -17.78 -27.50 25.89
CA ARG B 147 -18.00 -28.42 27.00
C ARG B 147 -18.93 -29.53 26.53
N GLU B 148 -18.59 -30.77 26.90
CA GLU B 148 -19.40 -31.92 26.49
C GLU B 148 -20.61 -32.12 27.38
N GLU B 149 -21.79 -31.95 26.79
CA GLU B 149 -23.06 -32.12 27.49
C GLU B 149 -23.67 -33.45 27.08
N GLY B 150 -22.90 -34.52 27.23
CA GLY B 150 -23.39 -35.84 26.86
C GLY B 150 -23.36 -36.06 25.35
N ASP B 151 -24.52 -36.01 24.72
CA ASP B 151 -24.62 -36.22 23.27
C ASP B 151 -24.33 -34.95 22.45
N SER B 152 -23.90 -33.90 23.12
CA SER B 152 -23.61 -32.65 22.43
C SER B 152 -22.45 -31.87 23.02
N TRP B 153 -21.84 -31.04 22.18
CA TRP B 153 -20.77 -30.17 22.63
C TRP B 153 -21.43 -28.80 22.61
N VAL B 154 -21.05 -27.92 23.52
CA VAL B 154 -21.61 -26.58 23.56
C VAL B 154 -20.44 -25.62 23.47
N LEU B 155 -20.46 -24.75 22.45
CA LEU B 155 -19.38 -23.80 22.22
C LEU B 155 -19.75 -22.37 22.63
N ASN B 156 -18.79 -21.68 23.21
CA ASN B 156 -18.95 -20.31 23.67
C ASN B 156 -17.68 -19.52 23.45
N GLY B 157 -17.81 -18.36 22.82
CA GLY B 157 -16.64 -17.54 22.57
C GLY B 157 -16.72 -16.79 21.25
N THR B 158 -15.65 -16.09 20.92
CA THR B 158 -15.58 -15.32 19.69
C THR B 158 -14.32 -15.64 18.89
N LYS B 159 -14.50 -15.99 17.62
CA LYS B 159 -13.37 -16.26 16.75
C LYS B 159 -13.29 -14.98 15.93
N ALA B 160 -12.07 -14.56 15.58
CA ALA B 160 -11.92 -13.32 14.83
C ALA B 160 -11.23 -13.48 13.49
N TRP B 161 -11.49 -12.53 12.59
CA TRP B 161 -10.87 -12.53 11.27
C TRP B 161 -11.20 -13.74 10.42
N ILE B 162 -12.44 -14.21 10.37
CA ILE B 162 -12.69 -15.40 9.57
C ILE B 162 -13.02 -15.14 8.11
N THR B 163 -12.14 -15.61 7.22
CA THR B 163 -12.28 -15.46 5.77
C THR B 163 -13.36 -16.42 5.25
N ASN B 164 -14.22 -15.92 4.36
CA ASN B 164 -15.34 -16.69 3.79
C ASN B 164 -16.51 -16.82 4.77
N SER B 165 -16.38 -16.21 5.94
CA SER B 165 -17.40 -16.28 6.96
C SER B 165 -18.81 -15.94 6.48
N TRP B 166 -18.95 -14.92 5.64
CA TRP B 166 -20.28 -14.55 5.16
C TRP B 166 -20.80 -15.37 4.00
N GLU B 167 -20.00 -16.31 3.51
CA GLU B 167 -20.46 -17.13 2.40
C GLU B 167 -20.32 -18.63 2.66
N ALA B 168 -19.72 -19.00 3.79
CA ALA B 168 -19.50 -20.42 4.10
C ALA B 168 -20.73 -21.15 4.63
N SER B 169 -20.72 -22.48 4.48
CA SER B 169 -21.80 -23.35 4.95
C SER B 169 -21.30 -24.30 6.05
N ALA B 170 -20.02 -24.19 6.38
CA ALA B 170 -19.43 -25.02 7.43
C ALA B 170 -18.13 -24.39 7.88
N THR B 171 -17.72 -24.68 9.10
CA THR B 171 -16.47 -24.13 9.60
C THR B 171 -15.79 -25.14 10.50
N VAL B 172 -14.46 -25.03 10.59
CA VAL B 172 -13.69 -25.90 11.45
C VAL B 172 -13.21 -24.96 12.54
N VAL B 173 -13.78 -25.09 13.72
CA VAL B 173 -13.43 -24.23 14.82
C VAL B 173 -12.56 -24.92 15.85
N PHE B 174 -11.69 -24.14 16.49
CA PHE B 174 -10.79 -24.65 17.51
C PHE B 174 -11.15 -24.04 18.85
N ALA B 175 -11.55 -24.89 19.79
CA ALA B 175 -11.94 -24.41 21.12
C ALA B 175 -11.29 -25.23 22.23
N SER B 176 -11.09 -24.60 23.38
CA SER B 176 -10.47 -25.26 24.52
C SER B 176 -11.51 -25.99 25.36
N THR B 177 -11.13 -27.17 25.86
CA THR B 177 -12.01 -27.97 26.71
C THR B 177 -11.57 -27.80 28.18
N ASP B 178 -10.38 -27.23 28.36
CA ASP B 178 -9.82 -26.98 29.69
C ASP B 178 -8.74 -25.91 29.53
N ARG B 179 -9.15 -24.65 29.67
CA ARG B 179 -8.24 -23.51 29.51
C ARG B 179 -6.97 -23.53 30.36
N SER B 180 -6.97 -24.29 31.46
CA SER B 180 -5.79 -24.33 32.31
C SER B 180 -4.67 -25.17 31.69
N ARG B 181 -5.03 -26.07 30.78
CA ARG B 181 -4.07 -26.92 30.12
C ARG B 181 -3.44 -26.23 28.90
N GLN B 182 -3.79 -24.97 28.70
CA GLN B 182 -3.26 -24.17 27.61
C GLN B 182 -3.43 -24.79 26.21
N ASN B 183 -2.34 -24.88 25.46
CA ASN B 183 -2.40 -25.43 24.11
C ASN B 183 -2.54 -26.94 24.04
N LYS B 184 -2.71 -27.60 25.18
CA LYS B 184 -2.87 -29.05 25.18
C LYS B 184 -4.33 -29.39 25.46
N GLY B 185 -5.14 -28.36 25.65
CA GLY B 185 -6.55 -28.57 25.91
C GLY B 185 -7.42 -28.12 24.75
N ILE B 186 -6.82 -27.98 23.57
CA ILE B 186 -7.55 -27.55 22.38
C ILE B 186 -8.09 -28.73 21.56
N SER B 187 -9.30 -28.59 21.06
CA SER B 187 -9.93 -29.62 20.23
C SER B 187 -10.54 -28.94 19.00
N ALA B 188 -10.73 -29.71 17.94
CA ALA B 188 -11.28 -29.18 16.70
C ALA B 188 -12.71 -29.67 16.48
N PHE B 189 -13.57 -28.78 16.02
CA PHE B 189 -14.97 -29.13 15.78
C PHE B 189 -15.47 -28.67 14.42
N LEU B 190 -16.42 -29.43 13.87
CA LEU B 190 -17.04 -29.08 12.59
C LEU B 190 -18.38 -28.48 12.96
N VAL B 191 -18.64 -27.27 12.48
CA VAL B 191 -19.88 -26.59 12.77
C VAL B 191 -20.56 -26.15 11.48
N PRO B 192 -21.84 -26.49 11.31
CA PRO B 192 -22.56 -26.11 10.09
C PRO B 192 -22.95 -24.63 10.20
N MET B 193 -23.12 -23.98 9.06
CA MET B 193 -23.49 -22.56 9.02
C MET B 193 -24.60 -22.35 8.01
N PRO B 194 -25.69 -21.67 8.41
CA PRO B 194 -25.91 -21.08 9.74
C PRO B 194 -26.36 -22.16 10.71
N THR B 195 -26.41 -21.83 12.00
CA THR B 195 -26.84 -22.77 13.02
C THR B 195 -27.18 -21.99 14.29
N PRO B 196 -28.12 -22.51 15.11
CA PRO B 196 -28.51 -21.84 16.35
C PRO B 196 -27.32 -21.57 17.28
N GLY B 197 -27.23 -20.36 17.81
CA GLY B 197 -26.13 -20.02 18.70
C GLY B 197 -24.91 -19.46 17.99
N LEU B 198 -24.99 -19.29 16.68
CA LEU B 198 -23.86 -18.76 15.91
C LEU B 198 -24.25 -17.55 15.07
N THR B 199 -23.66 -16.40 15.37
CA THR B 199 -23.94 -15.20 14.59
C THR B 199 -22.65 -14.65 13.98
N LEU B 200 -22.79 -13.97 12.85
CA LEU B 200 -21.65 -13.39 12.15
C LEU B 200 -21.43 -11.95 12.56
N GLY B 201 -20.16 -11.55 12.64
CA GLY B 201 -19.87 -10.17 12.97
C GLY B 201 -19.99 -9.41 11.66
N LYS B 202 -19.95 -8.08 11.71
CA LYS B 202 -20.06 -7.32 10.48
C LYS B 202 -18.79 -7.46 9.66
N LYS B 203 -18.94 -7.38 8.34
CA LYS B 203 -17.81 -7.50 7.43
C LYS B 203 -16.74 -6.46 7.74
N GLU B 204 -15.48 -6.88 7.71
CA GLU B 204 -14.35 -5.99 7.96
C GLU B 204 -14.00 -5.24 6.69
N ASP B 205 -13.80 -3.92 6.81
CA ASP B 205 -13.43 -3.08 5.68
C ASP B 205 -11.89 -3.10 5.65
N LYS B 206 -11.31 -3.67 4.60
CA LYS B 206 -9.85 -3.76 4.56
C LYS B 206 -9.12 -3.14 3.38
N LEU B 207 -7.80 -3.09 3.52
CA LEU B 207 -6.90 -2.53 2.51
C LEU B 207 -6.93 -3.27 1.19
N GLY B 208 -6.93 -4.61 1.25
CA GLY B 208 -6.91 -5.44 0.05
C GLY B 208 -7.79 -6.68 0.11
N ILE B 209 -7.65 -7.55 -0.90
CA ILE B 209 -8.46 -8.76 -1.05
C ILE B 209 -9.85 -8.48 -0.51
N ARG B 210 -10.39 -7.35 -0.97
CA ARG B 210 -11.68 -6.85 -0.56
C ARG B 210 -12.90 -7.61 -1.07
N ALA B 211 -12.71 -8.45 -2.08
CA ALA B 211 -13.82 -9.25 -2.61
C ALA B 211 -14.11 -10.43 -1.69
N SER B 212 -13.21 -10.69 -0.74
CA SER B 212 -13.42 -11.79 0.19
C SER B 212 -13.99 -11.21 1.49
N SER B 213 -14.74 -12.02 2.22
CA SER B 213 -15.33 -11.54 3.48
C SER B 213 -14.44 -11.90 4.67
N THR B 214 -14.44 -11.02 5.66
CA THR B 214 -13.67 -11.23 6.87
C THR B 214 -14.51 -10.72 8.02
N ALA B 215 -14.81 -11.60 8.97
CA ALA B 215 -15.63 -11.20 10.11
C ALA B 215 -15.55 -12.19 11.26
N ASN B 216 -15.96 -11.73 12.44
CA ASN B 216 -15.96 -12.54 13.64
C ASN B 216 -17.07 -13.58 13.62
N LEU B 217 -16.86 -14.69 14.31
CA LEU B 217 -17.88 -15.70 14.43
C LEU B 217 -18.18 -15.69 15.93
N ILE B 218 -19.44 -15.50 16.29
CA ILE B 218 -19.79 -15.42 17.69
C ILE B 218 -20.60 -16.63 18.14
N PHE B 219 -20.04 -17.37 19.10
CA PHE B 219 -20.69 -18.56 19.63
C PHE B 219 -21.30 -18.31 21.02
N GLU B 220 -22.62 -18.48 21.11
CA GLU B 220 -23.35 -18.30 22.37
C GLU B 220 -24.14 -19.57 22.64
N ASP B 221 -23.56 -20.46 23.43
CA ASP B 221 -24.18 -21.74 23.73
C ASP B 221 -24.59 -22.44 22.44
N CYS B 222 -23.65 -22.54 21.52
CA CYS B 222 -23.90 -23.21 20.24
C CYS B 222 -23.73 -24.70 20.42
N ARG B 223 -24.81 -25.45 20.19
CA ARG B 223 -24.78 -26.90 20.34
C ARG B 223 -24.57 -27.67 19.03
N ILE B 224 -23.63 -28.60 19.03
CA ILE B 224 -23.37 -29.42 17.86
C ILE B 224 -23.32 -30.87 18.31
N PRO B 225 -23.72 -31.80 17.44
CA PRO B 225 -23.70 -33.22 17.79
C PRO B 225 -22.33 -33.67 18.29
N LYS B 226 -22.32 -34.66 19.15
CA LYS B 226 -21.09 -35.18 19.72
C LYS B 226 -20.09 -35.61 18.65
N GLU B 227 -20.59 -36.18 17.56
CA GLU B 227 -19.73 -36.66 16.47
C GLU B 227 -19.12 -35.59 15.58
N ASN B 228 -19.28 -34.33 15.97
CA ASN B 228 -18.71 -33.25 15.17
C ASN B 228 -17.29 -32.97 15.59
N LEU B 229 -16.82 -33.74 16.57
CA LEU B 229 -15.45 -33.61 17.06
C LEU B 229 -14.52 -34.14 15.96
N LEU B 230 -13.55 -33.34 15.55
CA LEU B 230 -12.60 -33.74 14.53
C LEU B 230 -11.35 -34.25 15.22
N GLY B 231 -11.04 -35.53 15.07
CA GLY B 231 -9.87 -36.09 15.72
C GLY B 231 -10.14 -36.46 17.17
N GLU B 232 -9.07 -36.57 17.96
CA GLU B 232 -9.17 -36.92 19.37
C GLU B 232 -9.22 -35.66 20.23
N PRO B 233 -9.84 -35.76 21.42
CA PRO B 233 -9.92 -34.57 22.29
C PRO B 233 -8.50 -34.14 22.65
N GLY B 234 -8.22 -32.84 22.58
CA GLY B 234 -6.89 -32.35 22.90
C GLY B 234 -5.88 -32.44 21.77
N MET B 235 -6.32 -32.92 20.61
CA MET B 235 -5.47 -33.06 19.44
C MET B 235 -5.61 -31.82 18.54
N GLY B 236 -6.46 -30.89 18.97
CA GLY B 236 -6.72 -29.68 18.20
C GLY B 236 -5.57 -28.78 17.78
N PHE B 237 -4.60 -28.56 18.67
CA PHE B 237 -3.48 -27.71 18.34
C PHE B 237 -2.68 -28.34 17.20
N LYS B 238 -2.40 -29.63 17.33
CA LYS B 238 -1.65 -30.37 16.31
C LYS B 238 -2.37 -30.32 14.96
N ILE B 239 -3.69 -30.42 15.01
CA ILE B 239 -4.50 -30.37 13.79
C ILE B 239 -4.39 -28.98 13.17
N ALA B 240 -4.39 -27.94 14.01
CA ALA B 240 -4.29 -26.59 13.51
C ALA B 240 -2.93 -26.36 12.85
N MET B 241 -1.87 -26.81 13.51
CA MET B 241 -0.51 -26.65 13.01
C MET B 241 -0.24 -27.39 11.71
N GLN B 242 -0.68 -28.65 11.61
CA GLN B 242 -0.45 -29.41 10.39
C GLN B 242 -1.31 -28.88 9.24
N THR B 243 -2.47 -28.33 9.57
CA THR B 243 -3.34 -27.76 8.55
C THR B 243 -2.69 -26.51 7.96
N LEU B 244 -2.11 -25.68 8.83
CA LEU B 244 -1.45 -24.46 8.40
C LEU B 244 -0.20 -24.76 7.56
N ASP B 245 0.44 -25.92 7.78
CA ASP B 245 1.60 -26.26 6.97
C ASP B 245 1.14 -26.39 5.52
N MET B 246 -0.05 -26.94 5.32
CA MET B 246 -0.60 -27.10 3.97
C MET B 246 -1.08 -25.75 3.44
N GLY B 247 -1.77 -25.01 4.30
CA GLY B 247 -2.30 -23.71 3.92
C GLY B 247 -1.24 -22.68 3.52
N ARG B 248 -0.07 -22.75 4.15
CA ARG B 248 1.00 -21.82 3.82
C ARG B 248 1.55 -22.00 2.40
N ILE B 249 1.49 -23.23 1.88
CA ILE B 249 1.95 -23.46 0.51
C ILE B 249 0.93 -22.76 -0.39
N GLY B 250 -0.33 -22.73 0.08
CA GLY B 250 -1.39 -22.08 -0.66
C GLY B 250 -1.19 -20.57 -0.74
N ILE B 251 -0.87 -19.95 0.38
CA ILE B 251 -0.65 -18.50 0.42
C ILE B 251 0.60 -18.15 -0.37
N ALA B 252 1.58 -19.06 -0.38
CA ALA B 252 2.80 -18.83 -1.13
C ALA B 252 2.43 -18.74 -2.61
N SER B 253 1.52 -19.62 -3.03
CA SER B 253 1.07 -19.64 -4.41
C SER B 253 0.27 -18.41 -4.78
N GLN B 254 -0.53 -17.90 -3.85
CA GLN B 254 -1.31 -16.71 -4.13
C GLN B 254 -0.37 -15.52 -4.32
N ALA B 255 0.64 -15.40 -3.47
CA ALA B 255 1.61 -14.31 -3.54
C ALA B 255 2.36 -14.35 -4.87
N LEU B 256 2.71 -15.55 -5.32
CA LEU B 256 3.42 -15.72 -6.59
C LEU B 256 2.55 -15.13 -7.72
N GLY B 257 1.24 -15.32 -7.61
CA GLY B 257 0.32 -14.82 -8.60
C GLY B 257 0.25 -13.30 -8.63
N ILE B 258 0.19 -12.68 -7.46
CA ILE B 258 0.14 -11.24 -7.39
C ILE B 258 1.46 -10.68 -7.95
N ALA B 259 2.57 -11.32 -7.59
CA ALA B 259 3.88 -10.88 -8.05
C ALA B 259 4.04 -11.03 -9.57
N GLN B 260 3.52 -12.11 -10.14
CA GLN B 260 3.62 -12.31 -11.59
C GLN B 260 2.77 -11.28 -12.33
N ALA B 261 1.56 -11.04 -11.84
CA ALA B 261 0.67 -10.05 -12.45
C ALA B 261 1.36 -8.68 -12.44
N SER B 262 2.07 -8.40 -11.35
CA SER B 262 2.78 -7.14 -11.19
C SER B 262 3.91 -6.99 -12.19
N LEU B 263 4.71 -8.05 -12.36
CA LEU B 263 5.82 -8.03 -13.29
C LEU B 263 5.30 -7.85 -14.72
N ASP B 264 4.27 -8.59 -15.08
CA ASP B 264 3.66 -8.51 -16.41
C ASP B 264 3.25 -7.07 -16.70
N CYS B 265 2.69 -6.41 -15.69
CA CYS B 265 2.24 -5.03 -15.83
C CYS B 265 3.43 -4.07 -16.02
N ALA B 266 4.49 -4.30 -15.26
CA ALA B 266 5.68 -3.45 -15.33
C ALA B 266 6.40 -3.56 -16.68
N VAL B 267 6.54 -4.79 -17.18
CA VAL B 267 7.23 -5.01 -18.45
C VAL B 267 6.45 -4.39 -19.61
N LYS B 268 5.17 -4.72 -19.70
CA LYS B 268 4.28 -4.22 -20.74
C LYS B 268 4.30 -2.69 -20.78
N TYR B 269 4.18 -2.06 -19.62
CA TYR B 269 4.18 -0.60 -19.56
C TYR B 269 5.55 -0.02 -19.89
N ALA B 270 6.60 -0.68 -19.43
CA ALA B 270 7.97 -0.21 -19.66
C ALA B 270 8.39 -0.20 -21.13
N GLU B 271 7.78 -1.07 -21.93
CA GLU B 271 8.12 -1.12 -23.34
C GLU B 271 7.34 -0.13 -24.20
N ASN B 272 6.22 0.36 -23.69
CA ASN B 272 5.40 1.31 -24.43
C ASN B 272 5.65 2.76 -24.05
N ARG B 273 5.85 3.01 -22.77
CA ARG B 273 6.11 4.35 -22.29
C ARG B 273 7.48 4.85 -22.71
N HIS B 274 7.53 6.09 -23.23
CA HIS B 274 8.78 6.69 -23.65
C HIS B 274 9.20 7.81 -22.71
N ALA B 275 10.50 7.97 -22.53
CA ALA B 275 11.05 9.01 -21.67
C ALA B 275 12.42 9.32 -22.23
N PHE B 276 12.71 10.61 -22.40
CA PHE B 276 13.99 11.03 -22.93
C PHE B 276 14.33 10.37 -24.27
N GLY B 277 13.33 10.25 -25.14
CA GLY B 277 13.54 9.68 -26.45
C GLY B 277 13.33 8.20 -26.73
N ALA B 278 13.42 7.35 -25.71
CA ALA B 278 13.25 5.92 -25.93
C ALA B 278 12.36 5.23 -24.90
N PRO B 279 12.05 3.93 -25.12
CA PRO B 279 11.22 3.19 -24.18
C PRO B 279 11.92 3.15 -22.82
N LEU B 280 11.16 2.98 -21.75
CA LEU B 280 11.75 2.93 -20.42
C LEU B 280 12.75 1.77 -20.33
N THR B 281 12.47 0.68 -21.03
CA THR B 281 13.33 -0.50 -21.03
C THR B 281 14.76 -0.25 -21.52
N LYS B 282 15.02 0.95 -22.04
CA LYS B 282 16.36 1.29 -22.52
C LYS B 282 17.19 1.87 -21.38
N LEU B 283 16.52 2.28 -20.32
CA LEU B 283 17.19 2.85 -19.16
C LEU B 283 17.77 1.71 -18.34
N GLN B 284 19.06 1.78 -18.06
CA GLN B 284 19.74 0.73 -17.31
C GLN B 284 19.07 0.43 -15.97
N ASN B 285 18.73 1.46 -15.22
CA ASN B 285 18.07 1.29 -13.93
C ASN B 285 16.78 0.49 -14.03
N ILE B 286 16.01 0.74 -15.10
CA ILE B 286 14.76 0.02 -15.30
C ILE B 286 15.06 -1.46 -15.54
N GLN B 287 16.11 -1.72 -16.31
CA GLN B 287 16.52 -3.09 -16.60
C GLN B 287 16.91 -3.84 -15.33
N PHE B 288 17.63 -3.15 -14.45
CA PHE B 288 18.07 -3.75 -13.19
C PHE B 288 16.91 -4.09 -12.26
N LYS B 289 15.89 -3.26 -12.23
CA LYS B 289 14.72 -3.52 -11.39
C LYS B 289 13.99 -4.75 -11.89
N LEU B 290 13.78 -4.82 -13.20
CA LEU B 290 13.09 -5.96 -13.79
C LEU B 290 13.85 -7.26 -13.51
N ALA B 291 15.18 -7.19 -13.59
CA ALA B 291 16.01 -8.35 -13.33
C ALA B 291 15.83 -8.83 -11.89
N ASP B 292 15.88 -7.90 -10.95
CA ASP B 292 15.70 -8.24 -9.54
C ASP B 292 14.30 -8.76 -9.27
N MET B 293 13.31 -8.16 -9.93
CA MET B 293 11.94 -8.59 -9.77
C MET B 293 11.78 -10.04 -10.25
N ALA B 294 12.38 -10.33 -11.40
CA ALA B 294 12.30 -11.68 -11.98
C ALA B 294 13.00 -12.71 -11.10
N LEU B 295 14.17 -12.38 -10.60
CA LEU B 295 14.94 -13.30 -9.75
C LEU B 295 14.16 -13.67 -8.48
N ALA B 296 13.63 -12.67 -7.78
CA ALA B 296 12.89 -12.91 -6.56
C ALA B 296 11.65 -13.78 -6.76
N LEU B 297 10.97 -13.59 -7.89
CA LEU B 297 9.76 -14.35 -8.20
C LEU B 297 10.00 -15.81 -8.60
N GLU B 298 10.93 -16.05 -9.52
CA GLU B 298 11.21 -17.42 -9.95
C GLU B 298 11.83 -18.19 -8.79
N SER B 299 12.61 -17.48 -7.98
CA SER B 299 13.27 -18.06 -6.83
C SER B 299 12.23 -18.52 -5.81
N ALA B 300 11.26 -17.67 -5.53
CA ALA B 300 10.20 -18.01 -4.57
C ALA B 300 9.29 -19.11 -5.12
N ARG B 301 9.17 -19.20 -6.44
CA ARG B 301 8.32 -20.24 -7.03
C ARG B 301 8.96 -21.62 -6.82
N LEU B 302 10.28 -21.70 -6.94
CA LEU B 302 10.97 -22.98 -6.75
C LEU B 302 10.81 -23.46 -5.31
N LEU B 303 10.85 -22.54 -4.34
CA LEU B 303 10.69 -22.90 -2.93
C LEU B 303 9.29 -23.45 -2.71
N THR B 304 8.31 -22.78 -3.35
CA THR B 304 6.91 -23.17 -3.25
C THR B 304 6.68 -24.56 -3.85
N TRP B 305 7.19 -24.78 -5.05
CA TRP B 305 7.04 -26.07 -5.71
C TRP B 305 7.72 -27.18 -4.89
N ARG B 306 8.85 -26.86 -4.26
CA ARG B 306 9.56 -27.83 -3.45
C ARG B 306 8.67 -28.30 -2.29
N ALA B 307 8.10 -27.34 -1.56
CA ALA B 307 7.23 -27.67 -0.43
C ALA B 307 6.05 -28.52 -0.89
N ALA B 308 5.49 -28.18 -2.06
CA ALA B 308 4.36 -28.93 -2.61
C ALA B 308 4.74 -30.37 -2.91
N MET B 309 5.88 -30.55 -3.56
CA MET B 309 6.34 -31.89 -3.90
C MET B 309 6.69 -32.74 -2.69
N LEU B 310 7.22 -32.12 -1.63
CA LEU B 310 7.56 -32.87 -0.43
C LEU B 310 6.25 -33.34 0.18
N LYS B 311 5.27 -32.45 0.20
CA LYS B 311 3.96 -32.78 0.73
C LYS B 311 3.40 -33.96 -0.04
N ASP B 312 3.51 -33.90 -1.37
CA ASP B 312 3.01 -34.99 -2.20
C ASP B 312 3.75 -36.31 -1.98
N ASN B 313 5.03 -36.23 -1.66
CA ASN B 313 5.82 -37.44 -1.43
C ASN B 313 5.73 -37.91 0.02
N LYS B 314 4.90 -37.23 0.81
CA LYS B 314 4.73 -37.58 2.20
C LYS B 314 6.01 -37.45 3.01
N LYS B 315 6.72 -36.35 2.79
CA LYS B 315 7.96 -36.06 3.50
C LYS B 315 7.65 -34.86 4.40
N PRO B 316 8.51 -34.60 5.40
CA PRO B 316 8.25 -33.45 6.27
C PRO B 316 8.38 -32.20 5.41
N PHE B 317 7.54 -31.20 5.65
CA PHE B 317 7.60 -29.99 4.84
C PHE B 317 7.26 -28.71 5.59
N THR B 318 7.24 -28.77 6.92
CA THR B 318 6.93 -27.59 7.74
C THR B 318 7.91 -26.44 7.47
N LYS B 319 9.20 -26.73 7.55
CA LYS B 319 10.21 -25.71 7.31
C LYS B 319 10.16 -25.20 5.88
N GLU B 320 10.13 -26.13 4.93
CA GLU B 320 10.08 -25.77 3.51
C GLU B 320 8.83 -24.95 3.17
N SER B 321 7.72 -25.27 3.85
CA SER B 321 6.45 -24.57 3.65
C SER B 321 6.55 -23.14 4.18
N ALA B 322 7.22 -22.97 5.33
CA ALA B 322 7.39 -21.65 5.92
C ALA B 322 8.30 -20.78 5.06
N MET B 323 9.35 -21.38 4.51
CA MET B 323 10.27 -20.63 3.66
C MET B 323 9.56 -20.08 2.42
N ALA B 324 8.75 -20.92 1.79
CA ALA B 324 7.99 -20.54 0.59
C ALA B 324 7.04 -19.39 0.86
N LYS B 325 6.23 -19.53 1.90
CA LYS B 325 5.26 -18.50 2.26
C LYS B 325 5.98 -17.19 2.56
N LEU B 326 7.10 -17.26 3.29
CA LEU B 326 7.87 -16.07 3.64
C LEU B 326 8.47 -15.37 2.42
N ALA B 327 9.28 -16.12 1.66
CA ALA B 327 9.93 -15.58 0.48
C ALA B 327 8.95 -15.04 -0.56
N ALA B 328 7.84 -15.74 -0.76
CA ALA B 328 6.85 -15.32 -1.76
C ALA B 328 6.08 -14.08 -1.32
N SER B 329 5.67 -14.06 -0.07
CA SER B 329 4.92 -12.92 0.46
C SER B 329 5.75 -11.64 0.40
N GLU B 330 7.03 -11.73 0.76
CA GLU B 330 7.89 -10.56 0.76
C GLU B 330 8.26 -10.12 -0.66
N ALA B 331 8.27 -11.08 -1.57
CA ALA B 331 8.58 -10.79 -2.97
C ALA B 331 7.38 -10.06 -3.59
N ALA B 332 6.18 -10.50 -3.25
CA ALA B 332 4.96 -9.90 -3.78
C ALA B 332 4.87 -8.41 -3.44
N THR B 333 5.28 -8.04 -2.23
CA THR B 333 5.23 -6.64 -1.82
C THR B 333 6.36 -5.84 -2.48
N ALA B 334 7.55 -6.43 -2.57
CA ALA B 334 8.68 -5.74 -3.20
C ALA B 334 8.43 -5.54 -4.70
N ILE B 335 7.98 -6.59 -5.37
CA ILE B 335 7.71 -6.52 -6.79
C ILE B 335 6.54 -5.59 -7.14
N SER B 336 5.45 -5.70 -6.38
CA SER B 336 4.28 -4.85 -6.63
C SER B 336 4.64 -3.40 -6.32
N HIS B 337 5.54 -3.19 -5.37
CA HIS B 337 5.97 -1.84 -5.02
C HIS B 337 6.73 -1.22 -6.21
N GLN B 338 7.64 -2.00 -6.77
CA GLN B 338 8.44 -1.57 -7.92
C GLN B 338 7.61 -1.39 -9.20
N ALA B 339 6.54 -2.16 -9.33
CA ALA B 339 5.68 -2.05 -10.51
C ALA B 339 5.06 -0.65 -10.50
N ILE B 340 4.61 -0.21 -9.32
CA ILE B 340 4.02 1.11 -9.18
C ILE B 340 5.06 2.17 -9.58
N GLN B 341 6.27 2.02 -9.07
CA GLN B 341 7.36 2.95 -9.34
C GLN B 341 7.63 3.06 -10.84
N ILE B 342 7.68 1.91 -11.52
CA ILE B 342 7.95 1.89 -12.95
C ILE B 342 6.85 2.57 -13.77
N LEU B 343 5.61 2.52 -13.29
CA LEU B 343 4.50 3.18 -13.99
C LEU B 343 4.48 4.67 -13.65
N GLY B 344 5.15 5.03 -12.56
CA GLY B 344 5.19 6.41 -12.14
C GLY B 344 3.82 6.89 -11.69
N GLY B 345 3.42 8.05 -12.16
CA GLY B 345 2.13 8.60 -11.80
C GLY B 345 0.98 7.64 -12.06
N MET B 346 1.04 6.93 -13.18
CA MET B 346 -0.02 5.99 -13.54
C MET B 346 -0.17 4.84 -12.55
N GLY B 347 0.85 4.60 -11.73
CA GLY B 347 0.77 3.51 -10.77
C GLY B 347 0.07 3.86 -9.47
N TYR B 348 -0.27 5.14 -9.30
CA TYR B 348 -0.93 5.59 -8.08
C TYR B 348 -2.44 5.75 -8.25
N VAL B 349 -2.92 5.56 -9.47
CA VAL B 349 -4.35 5.71 -9.75
C VAL B 349 -5.03 4.39 -10.09
N THR B 350 -6.33 4.33 -9.80
CA THR B 350 -7.14 3.15 -10.01
C THR B 350 -7.32 2.75 -11.46
N GLU B 351 -6.95 3.63 -12.38
CA GLU B 351 -7.08 3.33 -13.81
C GLU B 351 -6.20 2.12 -14.16
N MET B 352 -5.09 1.96 -13.44
CA MET B 352 -4.19 0.83 -13.65
C MET B 352 -4.37 -0.13 -12.46
N PRO B 353 -4.01 -1.41 -12.63
CA PRO B 353 -4.16 -2.39 -11.56
C PRO B 353 -3.02 -2.47 -10.53
N ALA B 354 -1.90 -1.81 -10.83
CA ALA B 354 -0.74 -1.82 -9.96
C ALA B 354 -1.02 -1.49 -8.49
N GLU B 355 -1.82 -0.44 -8.25
CA GLU B 355 -2.11 -0.06 -6.87
C GLU B 355 -2.87 -1.17 -6.13
N ARG B 356 -3.73 -1.89 -6.84
CA ARG B 356 -4.47 -2.97 -6.19
C ARG B 356 -3.52 -4.14 -5.88
N TYR B 357 -2.57 -4.40 -6.77
CA TYR B 357 -1.63 -5.49 -6.53
C TYR B 357 -0.87 -5.20 -5.23
N TYR B 358 -0.46 -3.94 -5.05
CA TYR B 358 0.28 -3.51 -3.88
C TYR B 358 -0.54 -3.77 -2.62
N ARG B 359 -1.82 -3.42 -2.67
CA ARG B 359 -2.72 -3.60 -1.55
C ARG B 359 -2.96 -5.07 -1.23
N ASP B 360 -3.22 -5.87 -2.27
CA ASP B 360 -3.45 -7.29 -2.07
C ASP B 360 -2.20 -8.01 -1.57
N ALA B 361 -1.04 -7.62 -2.08
CA ALA B 361 0.21 -8.25 -1.68
C ALA B 361 0.48 -8.10 -0.20
N ARG B 362 0.14 -6.93 0.36
CA ARG B 362 0.39 -6.65 1.76
C ARG B 362 -0.14 -7.68 2.76
N ILE B 363 -1.31 -8.25 2.47
CA ILE B 363 -1.88 -9.22 3.39
C ILE B 363 -1.11 -10.54 3.45
N THR B 364 -0.42 -10.92 2.36
CA THR B 364 0.30 -12.20 2.36
C THR B 364 1.43 -12.29 3.39
N GLU B 365 1.89 -11.14 3.87
CA GLU B 365 2.95 -11.11 4.88
C GLU B 365 2.35 -11.18 6.29
N ILE B 366 1.02 -11.17 6.38
CA ILE B 366 0.36 -11.20 7.67
C ILE B 366 -0.45 -12.46 7.99
N TYR B 367 -1.40 -12.84 7.14
CA TYR B 367 -2.19 -14.01 7.49
C TYR B 367 -1.59 -15.39 7.26
N GLU B 368 -2.14 -16.37 7.98
CA GLU B 368 -1.70 -17.76 8.00
C GLU B 368 -0.29 -17.79 8.60
N GLY B 369 -0.04 -16.83 9.48
CA GLY B 369 1.26 -16.74 10.13
C GLY B 369 2.13 -15.61 9.58
N THR B 370 2.36 -14.58 10.39
CA THR B 370 3.17 -13.45 9.97
C THR B 370 4.60 -13.87 9.62
N SER B 371 5.30 -12.98 8.94
CA SER B 371 6.68 -13.22 8.53
C SER B 371 7.56 -13.55 9.73
N GLU B 372 7.32 -12.88 10.86
CA GLU B 372 8.10 -13.11 12.07
C GLU B 372 7.88 -14.55 12.56
N ILE B 373 6.63 -15.01 12.50
CA ILE B 373 6.31 -16.37 12.92
C ILE B 373 7.00 -17.38 11.98
N GLN B 374 6.94 -17.11 10.68
CA GLN B 374 7.57 -18.00 9.69
C GLN B 374 9.05 -18.13 10.03
N ARG B 375 9.69 -16.99 10.30
CA ARG B 375 11.10 -17.01 10.63
C ARG B 375 11.38 -17.85 11.89
N LEU B 376 10.49 -17.79 12.88
CA LEU B 376 10.66 -18.56 14.10
C LEU B 376 10.59 -20.06 13.79
N VAL B 377 9.59 -20.44 13.00
CA VAL B 377 9.38 -21.83 12.61
C VAL B 377 10.58 -22.35 11.83
N ILE B 378 11.13 -21.50 10.96
CA ILE B 378 12.28 -21.88 10.15
C ILE B 378 13.51 -22.10 11.03
N ALA B 379 13.74 -21.17 11.95
CA ALA B 379 14.88 -21.25 12.86
C ALA B 379 14.78 -22.48 13.74
N GLY B 380 13.57 -22.79 14.17
CA GLY B 380 13.37 -23.95 15.03
C GLY B 380 13.72 -25.26 14.35
N HIS B 381 13.28 -25.43 13.11
CA HIS B 381 13.58 -26.66 12.38
C HIS B 381 15.03 -26.72 11.92
N LEU B 382 15.60 -25.57 11.59
CA LEU B 382 16.99 -25.51 11.16
C LEU B 382 17.86 -26.02 12.29
N LEU B 383 17.68 -25.45 13.48
CA LEU B 383 18.46 -25.85 14.64
C LEU B 383 18.31 -27.33 14.95
N ARG B 384 17.09 -27.83 14.78
CA ARG B 384 16.79 -29.24 15.03
C ARG B 384 17.58 -30.17 14.09
N SER B 385 17.93 -29.66 12.92
CA SER B 385 18.69 -30.44 11.94
C SER B 385 20.15 -30.57 12.32
N TYR B 386 20.66 -29.59 13.08
CA TYR B 386 22.05 -29.61 13.50
C TYR B 386 22.27 -30.34 14.83
N ARG B 387 21.21 -30.48 15.62
CA ARG B 387 21.32 -31.17 16.90
C ARG B 387 20.87 -32.61 16.75
#